data_6FSK
#
_entry.id   6FSK
#
_cell.length_a   62.717
_cell.length_b   117.575
_cell.length_c   140.434
_cell.angle_alpha   90.00
_cell.angle_beta   90.00
_cell.angle_gamma   90.00
#
_symmetry.space_group_name_H-M   'P 21 21 21'
#
loop_
_entity.id
_entity.type
_entity.pdbx_description
1 polymer 'DyP-type peroxidase'
2 non-polymer 'PROTOPORPHYRIN IX CONTAINING FE'
3 non-polymer '2-(N-MORPHOLINO)-ETHANESULFONIC ACID'
4 water water
#
_entity_poly.entity_id   1
_entity_poly.type   'polypeptide(L)'
_entity_poly.pdbx_seq_one_letter_code
;PPLDLNNIQGDILGGLPKRTETYFFFDVTNVDQFKANMAHFIPHIKTSAGIIKDREAIKEHKRQKKPGLVPMAAVNVSFS
HLGLQKLGITDDLSDNAFTTGQRKDAEILGDPGSKNGDAFTPAWEAPFLKDIHGVIFVAGD(CSO)HGSVNKKLDEIKHI
FGVGTSHASISEVTHVRGDVRPGDVHAHEHFGYLDGISHPAVEQFDQNPLPGQDPIRPGFILAKENGDSRAAARPDWAKD
GSFLTFRYLFQMVPEFDDFLESNPIVLPGLSRKEGSELLGARIVGRWKSGAPIEITPLKDDPKLAADAQRNNKFDFGDSL
VRGDQTKCPFAAHIRKTYPRNDLEGPPLKADIDNRRIIRRGIQFGPEVTSQEHHDKKTHHGRGLLFVCYSSSIDDGFHFI
QESWANAPNFPVNAVTSAGPIPPLDGVVPGFDAIIGQKVGGGIRQISGTNPNDPTTNITLPDQDFVVPRGGEYFFSPSIT
ALKTKFAI
;
_entity_poly.pdbx_strand_id   A,B
#
loop_
_chem_comp.id
_chem_comp.type
_chem_comp.name
_chem_comp.formula
HEM non-polymer 'PROTOPORPHYRIN IX CONTAINING FE' 'C34 H32 Fe N4 O4'
MES non-polymer '2-(N-MORPHOLINO)-ETHANESULFONIC ACID' 'C6 H13 N O4 S'
#
# COMPACT_ATOMS: atom_id res chain seq x y z
N PRO A 1 -15.97 1.01 11.37
CA PRO A 1 -16.50 2.38 11.42
C PRO A 1 -15.38 3.41 11.50
N PRO A 2 -15.49 4.57 10.80
CA PRO A 2 -14.38 5.52 10.76
C PRO A 2 -13.87 5.91 12.14
N LEU A 3 -12.58 6.19 12.24
CA LEU A 3 -12.05 6.60 13.54
C LEU A 3 -12.41 8.05 13.82
N ASP A 4 -12.73 8.33 15.09
CA ASP A 4 -13.03 9.66 15.48
C ASP A 4 -11.71 10.33 15.85
N LEU A 5 -11.09 10.99 14.91
CA LEU A 5 -9.74 11.54 15.18
C LEU A 5 -9.76 12.71 16.17
N ASN A 6 -10.92 13.35 16.32
CA ASN A 6 -11.14 14.30 17.43
C ASN A 6 -11.14 13.71 18.81
N ASN A 7 -11.22 12.39 18.93
CA ASN A 7 -11.36 11.72 20.21
C ASN A 7 -10.02 11.09 20.65
N ILE A 8 -9.04 11.09 19.76
CA ILE A 8 -7.74 10.34 19.99
C ILE A 8 -6.63 11.36 20.26
N GLN A 9 -5.86 11.13 21.29
CA GLN A 9 -4.73 11.97 21.52
C GLN A 9 -3.70 11.90 20.42
N GLY A 10 -3.22 13.09 20.04
CA GLY A 10 -2.49 13.29 18.80
C GLY A 10 -1.09 12.67 18.73
N ASP A 11 -0.52 12.31 19.87
CA ASP A 11 0.76 11.64 19.75
C ASP A 11 0.64 10.22 19.29
N ILE A 12 -0.55 9.60 19.40
CA ILE A 12 -0.71 8.18 19.13
C ILE A 12 -0.73 8.02 17.58
N LEU A 13 -1.72 8.61 16.90
CA LEU A 13 -1.87 8.57 15.45
C LEU A 13 -1.57 9.99 14.97
N GLY A 14 -0.47 10.09 14.27
CA GLY A 14 0.10 11.34 13.83
C GLY A 14 1.44 11.57 14.43
N GLY A 15 1.42 11.80 15.72
CA GLY A 15 2.65 12.13 16.42
C GLY A 15 2.79 13.63 16.63
N LEU A 16 3.12 14.07 17.85
CA LEU A 16 3.38 15.50 18.06
C LEU A 16 4.64 15.93 17.36
N PRO A 17 4.57 16.99 16.52
CA PRO A 17 5.78 17.43 15.88
C PRO A 17 6.66 18.17 16.89
N LYS A 18 7.95 17.98 16.74
CA LYS A 18 8.86 18.57 17.74
C LYS A 18 10.29 18.74 17.31
N ARG A 19 10.91 19.74 17.87
CA ARG A 19 12.34 19.85 18.00
C ARG A 19 12.79 19.60 19.45
N THR A 20 11.85 19.84 20.41
CA THR A 20 12.10 19.66 21.84
C THR A 20 10.83 19.20 22.51
N GLU A 21 10.99 18.49 23.60
CA GLU A 21 9.86 17.90 24.31
C GLU A 21 10.18 17.75 25.77
N THR A 22 9.25 18.13 26.64
CA THR A 22 9.36 17.89 28.05
C THR A 22 8.30 16.91 28.53
N TYR A 23 8.77 15.91 29.32
CA TYR A 23 7.92 14.96 29.98
C TYR A 23 7.88 15.29 31.48
N PHE A 24 6.70 15.69 31.96
CA PHE A 24 6.50 16.09 33.33
C PHE A 24 5.75 14.97 34.09
N PHE A 25 6.47 14.28 34.97
CA PHE A 25 5.95 13.13 35.70
C PHE A 25 5.42 13.57 37.08
N PHE A 26 4.18 13.19 37.39
CA PHE A 26 3.50 13.73 38.55
C PHE A 26 2.84 12.67 39.36
N ASP A 27 2.54 13.06 40.62
CA ASP A 27 1.64 12.32 41.52
C ASP A 27 0.44 13.24 41.78
N VAL A 28 -0.72 12.59 41.90
CA VAL A 28 -1.99 13.23 42.28
C VAL A 28 -2.00 13.32 43.78
N THR A 29 -2.13 14.54 44.32
CA THR A 29 -2.15 14.75 45.77
C THR A 29 -3.58 15.01 46.35
N ASN A 30 -4.52 15.51 45.54
CA ASN A 30 -5.89 15.76 45.97
C ASN A 30 -6.75 15.32 44.75
N VAL A 31 -7.37 14.18 44.90
CA VAL A 31 -8.10 13.51 43.79
C VAL A 31 -9.23 14.41 43.34
N ASP A 32 -10.09 14.87 44.28
CA ASP A 32 -11.26 15.58 43.74
C ASP A 32 -10.88 16.94 43.18
N GLN A 33 -9.83 17.60 43.70
CA GLN A 33 -9.41 18.81 43.12
C GLN A 33 -8.73 18.57 41.73
N PHE A 34 -8.03 17.45 41.66
CA PHE A 34 -7.42 17.06 40.39
C PHE A 34 -8.47 16.93 39.31
N LYS A 35 -9.56 16.24 39.67
CA LYS A 35 -10.62 16.05 38.66
C LYS A 35 -11.28 17.32 38.31
N ALA A 36 -11.46 18.26 39.27
CA ALA A 36 -12.00 19.54 38.89
C ALA A 36 -11.02 20.31 37.96
N ASN A 37 -9.68 20.27 38.26
CA ASN A 37 -8.73 20.97 37.48
C ASN A 37 -8.61 20.37 36.01
N MET A 38 -8.83 19.07 35.95
CA MET A 38 -8.78 18.34 34.71
C MET A 38 -9.77 18.93 33.72
N ALA A 39 -10.88 19.41 34.21
CA ALA A 39 -11.81 20.05 33.25
C ALA A 39 -11.31 21.22 32.48
N HIS A 40 -10.42 22.00 33.09
CA HIS A 40 -9.80 23.06 32.48
C HIS A 40 -8.61 22.68 31.62
N PHE A 41 -7.98 21.55 31.94
CA PHE A 41 -6.85 21.03 31.18
C PHE A 41 -7.30 20.43 29.84
N ILE A 42 -8.39 19.68 29.83
CA ILE A 42 -8.75 18.88 28.68
C ILE A 42 -8.81 19.63 27.35
N PRO A 43 -9.36 20.88 27.30
CA PRO A 43 -9.39 21.62 26.05
C PRO A 43 -8.05 22.01 25.44
N HIS A 44 -6.95 21.91 26.23
CA HIS A 44 -5.61 22.09 25.75
C HIS A 44 -4.98 20.86 25.03
N ILE A 45 -5.60 19.70 25.16
CA ILE A 45 -4.95 18.43 24.66
C ILE A 45 -5.00 18.35 23.15
N LYS A 46 -3.86 18.06 22.52
CA LYS A 46 -3.83 17.94 21.07
C LYS A 46 -4.43 16.62 20.60
N THR A 47 -5.40 16.69 19.72
CA THR A 47 -5.96 15.48 19.10
C THR A 47 -5.32 15.14 17.76
N SER A 48 -5.62 13.91 17.29
CA SER A 48 -5.14 13.46 15.99
C SER A 48 -5.69 14.34 14.85
N ALA A 49 -6.95 14.73 15.01
CA ALA A 49 -7.51 15.74 14.10
C ALA A 49 -6.76 17.04 14.09
N GLY A 50 -6.32 17.47 15.27
CA GLY A 50 -5.56 18.68 15.40
C GLY A 50 -4.21 18.61 14.73
N ILE A 51 -3.58 17.42 14.85
CA ILE A 51 -2.31 17.20 14.23
C ILE A 51 -2.43 17.43 12.71
N ILE A 52 -3.49 16.86 12.14
CA ILE A 52 -3.63 16.91 10.71
C ILE A 52 -3.88 18.38 10.29
N LYS A 53 -4.81 19.03 10.97
CA LYS A 53 -5.12 20.44 10.68
C LYS A 53 -3.90 21.35 10.79
N ASP A 54 -3.12 21.19 11.87
CA ASP A 54 -1.89 22.00 12.04
C ASP A 54 -0.88 21.76 10.92
N ARG A 55 -0.64 20.49 10.54
CA ARG A 55 0.38 20.20 9.56
C ARG A 55 -0.05 20.76 8.19
N GLU A 56 -1.35 20.63 7.85
CA GLU A 56 -1.86 21.21 6.57
C GLU A 56 -1.67 22.72 6.54
N ALA A 57 -1.95 23.39 7.66
CA ALA A 57 -1.79 24.85 7.76
C ALA A 57 -0.35 25.30 7.58
N ILE A 58 0.60 24.60 8.19
CA ILE A 58 2.03 24.92 8.02
C ILE A 58 2.46 24.72 6.57
N LYS A 59 2.06 23.61 5.95
CA LYS A 59 2.35 23.39 4.51
C LYS A 59 1.81 24.48 3.61
N GLU A 60 0.54 24.83 3.83
CA GLU A 60 -0.14 25.83 3.00
C GLU A 60 0.56 27.18 3.15
N HIS A 61 0.92 27.56 4.38
CA HIS A 61 1.70 28.80 4.56
C HIS A 61 3.00 28.80 3.80
N LYS A 62 3.70 27.66 3.81
CA LYS A 62 4.97 27.56 3.07
C LYS A 62 4.77 27.72 1.55
N ARG A 63 3.75 27.02 1.00
CA ARG A 63 3.34 27.20 -0.42
C ARG A 63 3.01 28.64 -0.78
N GLN A 64 2.33 29.32 0.12
CA GLN A 64 1.94 30.73 -0.05
C GLN A 64 3.07 31.72 0.26
N LYS A 65 4.24 31.24 0.69
CA LYS A 65 5.41 32.09 1.08
C LYS A 65 5.08 33.12 2.18
N LYS A 66 4.23 32.69 3.10
CA LYS A 66 3.94 33.42 4.35
C LYS A 66 5.02 33.10 5.38
N PRO A 67 5.42 34.09 6.18
CA PRO A 67 6.44 33.73 7.16
C PRO A 67 5.85 32.81 8.21
N GLY A 68 6.68 31.94 8.79
CA GLY A 68 6.22 31.03 9.85
C GLY A 68 5.86 31.82 11.10
N LEU A 69 4.84 31.28 11.82
CA LEU A 69 4.39 31.74 13.18
C LEU A 69 5.17 31.06 14.31
N VAL A 70 4.91 31.48 15.55
CA VAL A 70 5.35 30.69 16.70
C VAL A 70 4.21 29.70 16.88
N PRO A 71 4.53 28.39 16.69
CA PRO A 71 3.47 27.39 16.94
C PRO A 71 3.33 27.27 18.45
N MET A 72 2.09 27.15 18.89
CA MET A 72 1.82 26.78 20.24
C MET A 72 2.41 25.40 20.38
N ALA A 73 2.99 25.10 21.51
CA ALA A 73 3.42 23.74 21.79
C ALA A 73 2.16 22.91 22.04
N ALA A 74 2.29 21.61 21.81
CA ALA A 74 1.20 20.67 21.92
C ALA A 74 1.35 19.80 23.14
N VAL A 75 0.22 19.37 23.69
CA VAL A 75 0.27 18.66 24.96
C VAL A 75 -0.58 17.42 24.92
N ASN A 76 -0.08 16.35 25.54
CA ASN A 76 -0.83 15.09 25.72
C ASN A 76 -0.64 14.67 27.19
N VAL A 77 -1.40 13.66 27.63
CA VAL A 77 -1.43 13.22 29.01
C VAL A 77 -1.61 11.71 29.09
N SER A 78 -1.00 11.02 30.07
CA SER A 78 -1.09 9.59 30.14
C SER A 78 -1.00 9.17 31.59
N PHE A 79 -1.66 8.10 31.96
CA PHE A 79 -1.78 7.71 33.35
C PHE A 79 -1.32 6.31 33.59
N SER A 80 -0.58 6.13 34.71
CA SER A 80 -0.15 4.80 35.06
C SER A 80 -1.21 4.02 35.81
N HIS A 81 -0.95 2.73 36.05
CA HIS A 81 -1.89 1.93 36.81
C HIS A 81 -2.00 2.45 38.22
N LEU A 82 -0.87 2.86 38.76
CA LEU A 82 -0.94 3.47 40.11
C LEU A 82 -1.78 4.71 40.09
N GLY A 83 -1.69 5.51 39.07
CA GLY A 83 -2.49 6.69 39.00
C GLY A 83 -3.99 6.44 38.84
N LEU A 84 -4.31 5.47 38.00
CA LEU A 84 -5.70 5.02 37.90
C LEU A 84 -6.23 4.60 39.24
N GLN A 85 -5.48 3.77 39.94
CA GLN A 85 -5.88 3.36 41.30
C GLN A 85 -6.09 4.57 42.23
N LYS A 86 -5.17 5.53 42.19
CA LYS A 86 -5.29 6.69 43.10
C LYS A 86 -6.56 7.43 42.78
N LEU A 87 -6.96 7.50 41.53
CA LEU A 87 -8.13 8.24 41.09
C LEU A 87 -9.47 7.41 41.30
N GLY A 88 -9.40 6.20 41.75
CA GLY A 88 -10.56 5.32 41.90
C GLY A 88 -11.10 4.77 40.61
N ILE A 89 -10.27 4.71 39.57
CA ILE A 89 -10.65 4.10 38.31
C ILE A 89 -10.07 2.72 38.35
N THR A 90 -10.90 1.74 38.64
CA THR A 90 -10.39 0.41 38.99
C THR A 90 -10.66 -0.68 37.96
N ASP A 91 -11.20 -0.32 36.79
CA ASP A 91 -11.44 -1.30 35.74
C ASP A 91 -10.13 -1.92 35.29
N ASP A 92 -10.13 -3.22 35.15
CA ASP A 92 -8.96 -3.96 34.65
C ASP A 92 -8.81 -3.64 33.15
N LEU A 93 -7.60 -3.20 32.74
CA LEU A 93 -7.37 -2.93 31.30
C LEU A 93 -6.77 -4.09 30.54
N SER A 94 -6.64 -5.27 31.16
CA SER A 94 -6.17 -6.50 30.50
C SER A 94 -4.76 -6.34 29.90
N ASP A 95 -3.86 -5.74 30.69
CA ASP A 95 -2.44 -5.75 30.30
C ASP A 95 -1.62 -5.96 31.56
N ASN A 96 -1.01 -7.11 31.63
CA ASN A 96 -0.29 -7.54 32.82
C ASN A 96 0.91 -6.61 33.09
N ALA A 97 1.64 -6.24 32.07
CA ALA A 97 2.82 -5.35 32.24
C ALA A 97 2.40 -4.02 32.80
N PHE A 98 1.37 -3.39 32.20
CA PHE A 98 0.86 -2.11 32.66
C PHE A 98 0.45 -2.19 34.16
N THR A 99 -0.28 -3.26 34.49
CA THR A 99 -0.83 -3.42 35.83
C THR A 99 0.28 -3.66 36.89
N THR A 100 1.27 -4.44 36.51
CA THR A 100 2.45 -4.69 37.33
C THR A 100 3.24 -3.41 37.56
N GLY A 101 3.33 -2.59 36.53
CA GLY A 101 4.19 -1.39 36.50
C GLY A 101 5.59 -1.73 36.10
N GLN A 102 6.24 -0.77 35.53
CA GLN A 102 7.51 -0.97 34.94
C GLN A 102 8.59 -1.19 36.00
N ARG A 103 8.50 -0.53 37.16
CA ARG A 103 9.54 -0.77 38.16
C ARG A 103 9.70 -2.29 38.52
N LYS A 104 8.58 -3.03 38.63
CA LYS A 104 8.63 -4.48 38.91
C LYS A 104 8.91 -5.25 37.61
N ASP A 105 8.33 -4.80 36.50
CA ASP A 105 8.47 -5.54 35.24
C ASP A 105 9.91 -5.48 34.71
N ALA A 106 10.66 -4.45 35.13
CA ALA A 106 12.01 -4.23 34.67
C ALA A 106 12.91 -5.43 35.03
N GLU A 107 12.57 -6.18 36.07
CA GLU A 107 13.34 -7.40 36.37
C GLU A 107 13.30 -8.37 35.20
N ILE A 108 12.10 -8.62 34.69
CA ILE A 108 11.94 -9.49 33.53
C ILE A 108 12.45 -8.86 32.26
N LEU A 109 12.35 -7.53 32.17
CA LEU A 109 12.92 -6.84 30.98
C LEU A 109 14.41 -7.02 30.89
N GLY A 110 15.07 -7.31 32.02
CA GLY A 110 16.51 -7.50 32.04
C GLY A 110 17.32 -6.32 32.55
N ASP A 111 16.68 -5.32 33.12
CA ASP A 111 17.35 -4.12 33.58
C ASP A 111 18.33 -4.51 34.70
N PRO A 112 19.45 -3.78 34.74
CA PRO A 112 20.33 -3.90 35.94
C PRO A 112 19.56 -3.55 37.20
N GLY A 113 19.93 -4.19 38.31
CA GLY A 113 19.17 -3.97 39.51
C GLY A 113 19.65 -4.88 40.61
N SER A 114 18.97 -4.82 41.74
CA SER A 114 19.31 -5.73 42.86
C SER A 114 18.07 -6.23 43.48
N LYS A 115 18.22 -7.32 44.25
CA LYS A 115 17.11 -8.00 44.90
C LYS A 115 17.37 -8.14 46.38
N ASN A 116 16.32 -7.95 47.13
CA ASN A 116 16.27 -8.23 48.59
C ASN A 116 15.06 -9.16 48.66
N GLY A 117 15.27 -10.46 48.82
CA GLY A 117 14.18 -11.44 48.77
C GLY A 117 13.57 -11.48 47.37
N ASP A 118 12.25 -11.42 47.27
CA ASP A 118 11.57 -11.33 45.98
C ASP A 118 11.49 -9.90 45.44
N ALA A 119 11.94 -8.90 46.21
CA ALA A 119 11.75 -7.48 45.83
C ALA A 119 12.92 -7.01 44.97
N PHE A 120 12.64 -6.73 43.70
CA PHE A 120 13.65 -6.20 42.77
C PHE A 120 13.61 -4.68 42.76
N THR A 121 14.76 -3.98 42.82
CA THR A 121 14.84 -2.59 42.60
C THR A 121 15.72 -2.36 41.41
N PRO A 122 15.19 -1.75 40.31
CA PRO A 122 16.07 -1.53 39.19
C PRO A 122 17.07 -0.42 39.49
N ALA A 123 18.20 -0.44 38.79
CA ALA A 123 19.25 0.59 38.99
C ALA A 123 18.86 1.78 38.15
N TRP A 124 17.89 2.52 38.68
CA TRP A 124 17.35 3.70 38.02
C TRP A 124 17.61 4.99 38.81
N GLU A 125 17.53 6.12 38.13
CA GLU A 125 17.57 7.37 38.86
C GLU A 125 16.49 7.42 39.92
N ALA A 126 16.78 8.06 41.07
CA ALA A 126 15.86 8.01 42.22
C ALA A 126 14.41 8.37 41.98
N PRO A 127 14.14 9.38 41.20
CA PRO A 127 12.75 9.76 41.03
C PRO A 127 11.92 8.68 40.35
N PHE A 128 12.57 7.84 39.52
CA PHE A 128 11.81 6.78 38.83
C PHE A 128 11.57 5.56 39.65
N LEU A 129 12.13 5.57 40.88
CA LEU A 129 11.86 4.57 41.87
C LEU A 129 10.67 4.97 42.68
N LYS A 130 10.18 6.19 42.57
CA LYS A 130 8.96 6.60 43.26
C LYS A 130 7.75 6.23 42.49
N ASP A 131 6.60 6.14 43.16
CA ASP A 131 5.35 5.94 42.44
C ASP A 131 5.07 7.20 41.61
N ILE A 132 4.81 6.95 40.34
CA ILE A 132 4.43 8.00 39.37
C ILE A 132 3.01 7.70 38.95
N HIS A 133 2.12 8.69 39.00
CA HIS A 133 0.69 8.51 38.66
C HIS A 133 0.34 8.89 37.21
N GLY A 134 1.12 9.77 36.59
CA GLY A 134 0.91 10.19 35.24
C GLY A 134 2.04 10.99 34.69
N VAL A 135 1.92 11.31 33.42
CA VAL A 135 2.81 12.19 32.72
C VAL A 135 2.03 13.17 31.88
N ILE A 136 2.39 14.40 31.96
CA ILE A 136 1.96 15.47 31.07
C ILE A 136 3.17 15.75 30.18
N PHE A 137 3.00 15.73 28.85
CA PHE A 137 4.12 16.02 27.99
C PHE A 137 3.81 17.04 26.93
N VAL A 138 4.80 17.87 26.67
CA VAL A 138 4.63 19.07 25.86
C VAL A 138 5.76 19.08 24.83
N ALA A 139 5.37 19.17 23.56
CA ALA A 139 6.30 19.14 22.43
C ALA A 139 6.20 20.40 21.61
N GLY A 140 7.29 20.88 21.13
CA GLY A 140 7.21 22.06 20.29
C GLY A 140 8.51 22.34 19.58
N ASP A 141 8.59 23.55 19.02
CA ASP A 141 9.72 23.95 18.23
C ASP A 141 10.87 24.55 18.93
N CSO A 142 10.71 24.96 20.17
CA CSO A 142 11.77 25.61 20.96
CB CSO A 142 12.02 27.05 20.42
SG CSO A 142 10.69 28.13 20.88
C CSO A 142 11.47 25.52 22.41
O CSO A 142 10.35 25.25 22.81
OD CSO A 142 9.66 28.12 19.46
N HIS A 143 12.48 25.71 23.24
CA HIS A 143 12.30 25.64 24.70
C HIS A 143 11.32 26.64 25.23
N GLY A 144 11.35 27.88 24.69
CA GLY A 144 10.41 28.91 25.15
C GLY A 144 8.97 28.51 24.96
N SER A 145 8.62 27.99 23.78
CA SER A 145 7.21 27.61 23.51
C SER A 145 6.74 26.45 24.42
N VAL A 146 7.61 25.47 24.57
CA VAL A 146 7.24 24.35 25.48
C VAL A 146 7.10 24.84 26.90
N ASN A 147 8.01 25.67 27.37
CA ASN A 147 7.97 26.13 28.75
C ASN A 147 6.75 27.02 29.04
N LYS A 148 6.38 27.83 28.07
CA LYS A 148 5.17 28.65 28.20
C LYS A 148 3.92 27.82 28.32
N LYS A 149 3.79 26.80 27.48
CA LYS A 149 2.64 25.93 27.54
C LYS A 149 2.68 25.08 28.82
N LEU A 150 3.83 24.50 29.18
CA LEU A 150 3.88 23.74 30.39
C LEU A 150 3.55 24.58 31.64
N ASP A 151 4.05 25.83 31.70
CA ASP A 151 3.71 26.72 32.87
C ASP A 151 2.20 26.95 32.95
N GLU A 152 1.53 27.11 31.80
CA GLU A 152 0.10 27.27 31.77
C GLU A 152 -0.62 26.03 32.33
N ILE A 153 -0.13 24.84 31.98
CA ILE A 153 -0.71 23.65 32.52
C ILE A 153 -0.44 23.48 33.97
N LYS A 154 0.79 23.75 34.41
CA LYS A 154 1.08 23.65 35.81
C LYS A 154 0.15 24.56 36.66
N HIS A 155 -0.06 25.76 36.13
CA HIS A 155 -0.96 26.75 36.78
C HIS A 155 -2.39 26.21 36.97
N ILE A 156 -2.89 25.51 35.97
CA ILE A 156 -4.19 24.83 36.13
C ILE A 156 -4.27 23.88 37.34
N PHE A 157 -3.20 23.14 37.63
CA PHE A 157 -3.19 22.18 38.69
C PHE A 157 -2.54 22.75 39.99
N GLY A 158 -2.18 23.99 39.94
CA GLY A 158 -1.67 24.73 41.13
C GLY A 158 -0.33 24.25 41.57
N VAL A 159 0.49 23.76 40.59
CA VAL A 159 1.77 23.15 40.96
C VAL A 159 2.68 24.21 41.66
N GLY A 160 3.23 23.80 42.77
CA GLY A 160 4.12 24.62 43.58
C GLY A 160 3.43 25.57 44.54
N THR A 161 2.10 25.46 44.65
CA THR A 161 1.32 26.34 45.53
C THR A 161 0.72 25.47 46.64
N SER A 162 0.14 26.12 47.68
CA SER A 162 -0.49 25.33 48.72
C SER A 162 -1.86 24.75 48.29
N HIS A 163 -2.32 25.04 47.09
CA HIS A 163 -3.54 24.45 46.55
C HIS A 163 -3.25 23.54 45.38
N ALA A 164 -2.04 23.00 45.32
CA ALA A 164 -1.73 22.08 44.21
C ALA A 164 -2.62 20.86 44.28
N SER A 165 -2.96 20.33 43.09
CA SER A 165 -3.55 19.01 43.10
C SER A 165 -2.66 17.90 42.58
N ILE A 166 -1.48 18.29 42.06
CA ILE A 166 -0.47 17.29 41.73
C ILE A 166 0.87 17.79 42.25
N SER A 167 1.85 16.88 42.26
CA SER A 167 3.21 17.30 42.53
C SER A 167 4.16 16.69 41.54
N GLU A 168 5.22 17.42 41.25
CA GLU A 168 6.26 16.96 40.32
C GLU A 168 7.05 15.84 40.99
N VAL A 169 7.18 14.69 40.29
CA VAL A 169 8.11 13.64 40.66
C VAL A 169 9.48 14.03 40.06
N THR A 170 9.47 14.26 38.76
CA THR A 170 10.62 14.71 38.04
C THR A 170 10.20 15.13 36.66
N HIS A 171 11.11 15.71 35.89
CA HIS A 171 10.80 15.98 34.47
C HIS A 171 12.06 15.66 33.67
N VAL A 172 11.88 15.26 32.42
CA VAL A 172 12.96 15.06 31.49
C VAL A 172 12.75 15.84 30.20
N ARG A 173 13.83 16.23 29.55
CA ARG A 173 13.74 16.99 28.33
C ARG A 173 14.46 16.26 27.21
N GLY A 174 13.86 16.25 26.05
CA GLY A 174 14.49 15.75 24.83
C GLY A 174 14.72 16.94 23.88
N ASP A 175 15.74 16.80 23.05
CA ASP A 175 16.10 17.75 22.06
C ASP A 175 16.65 17.04 20.84
N VAL A 176 16.14 17.35 19.67
CA VAL A 176 16.73 16.75 18.48
C VAL A 176 18.20 17.18 18.34
N ARG A 177 18.94 16.43 17.55
CA ARG A 177 20.38 16.73 17.40
C ARG A 177 20.55 17.89 16.40
N PRO A 178 21.72 18.49 16.40
CA PRO A 178 21.97 19.64 15.49
C PRO A 178 22.12 19.31 14.03
N GLY A 179 21.75 20.27 13.17
CA GLY A 179 22.06 20.12 11.77
C GLY A 179 21.46 18.94 11.05
N ASP A 180 22.26 18.37 10.14
CA ASP A 180 21.75 17.38 9.17
C ASP A 180 21.46 16.03 9.81
N VAL A 181 22.04 15.83 11.00
CA VAL A 181 21.80 14.63 11.82
C VAL A 181 20.67 14.79 12.86
N HIS A 182 19.85 15.84 12.76
CA HIS A 182 18.77 16.02 13.67
C HIS A 182 17.84 14.79 13.96
N ALA A 183 17.59 13.93 13.00
CA ALA A 183 16.76 12.73 13.19
C ALA A 183 17.62 11.43 13.37
N HIS A 184 18.90 11.58 13.58
CA HIS A 184 19.72 10.46 13.91
C HIS A 184 19.85 10.31 15.41
N GLU A 185 19.64 9.08 15.88
CA GLU A 185 19.87 8.79 17.33
C GLU A 185 21.35 8.94 17.65
N HIS A 186 21.70 9.00 18.94
CA HIS A 186 23.09 9.39 19.30
C HIS A 186 24.19 8.44 18.83
N PHE A 187 23.91 7.17 18.55
CA PHE A 187 24.93 6.33 17.93
C PHE A 187 25.22 6.71 16.50
N GLY A 188 24.36 7.51 15.84
CA GLY A 188 24.57 8.00 14.52
C GLY A 188 23.65 7.51 13.48
N TYR A 189 22.62 6.73 13.82
CA TYR A 189 21.79 6.02 12.81
C TYR A 189 20.49 6.79 12.64
N LEU A 190 20.05 7.05 11.42
CA LEU A 190 18.74 7.67 11.18
C LEU A 190 17.66 6.82 11.82
N ASP A 191 16.78 7.46 12.60
CA ASP A 191 15.76 6.80 13.42
C ASP A 191 14.43 7.36 12.99
N GLY A 192 13.40 6.57 13.15
CA GLY A 192 12.06 7.00 12.78
C GLY A 192 11.56 6.60 11.42
N ILE A 193 12.17 5.60 10.79
CA ILE A 193 11.93 5.27 9.41
C ILE A 193 10.70 4.37 9.31
N SER A 194 10.76 3.25 10.06
CA SER A 194 9.78 2.19 9.87
C SER A 194 8.73 2.13 10.96
N HIS A 195 7.45 2.39 10.61
CA HIS A 195 6.34 2.28 11.52
C HIS A 195 5.21 1.53 10.82
N PRO A 196 4.32 0.91 11.59
CA PRO A 196 3.22 0.24 10.91
C PRO A 196 2.27 1.29 10.33
N ALA A 197 1.73 1.00 9.18
CA ALA A 197 0.58 1.80 8.72
C ALA A 197 -0.66 1.30 9.43
N VAL A 198 -1.63 2.20 9.70
CA VAL A 198 -2.79 1.86 10.48
C VAL A 198 -4.00 2.07 9.58
N GLU A 199 -4.73 0.99 9.36
CA GLU A 199 -5.96 1.06 8.60
C GLU A 199 -6.88 2.10 9.22
N GLN A 200 -7.63 2.75 8.31
CA GLN A 200 -8.59 3.80 8.71
C GLN A 200 -7.90 5.09 9.16
N PHE A 201 -6.58 5.16 9.02
CA PHE A 201 -5.77 6.33 9.41
C PHE A 201 -4.82 6.63 8.29
N ASP A 202 -3.87 5.71 8.02
CA ASP A 202 -2.90 5.92 6.97
C ASP A 202 -3.55 5.51 5.62
N GLN A 203 -3.99 6.52 4.88
CA GLN A 203 -4.71 6.32 3.61
C GLN A 203 -3.79 5.92 2.45
N ASN A 204 -2.49 6.19 2.52
CA ASN A 204 -1.53 5.90 1.48
C ASN A 204 -0.30 5.26 2.05
N PRO A 205 -0.42 3.99 2.49
CA PRO A 205 0.81 3.37 3.01
C PRO A 205 1.95 3.39 2.00
N LEU A 206 3.14 3.58 2.50
CA LEU A 206 4.33 3.49 1.69
C LEU A 206 4.60 2.12 1.11
N PRO A 207 5.37 2.03 0.04
CA PRO A 207 5.76 0.70 -0.46
C PRO A 207 6.45 -0.09 0.64
N GLY A 208 5.95 -1.31 0.84
CA GLY A 208 6.47 -2.20 1.86
C GLY A 208 5.89 -2.05 3.29
N GLN A 209 4.96 -1.12 3.45
CA GLN A 209 4.35 -0.80 4.69
C GLN A 209 3.00 -1.51 4.67
N ASP A 210 2.93 -2.69 5.30
CA ASP A 210 1.73 -3.46 5.45
C ASP A 210 0.80 -2.78 6.47
N PRO A 211 -0.45 -2.46 6.04
CA PRO A 211 -1.26 -1.80 7.07
C PRO A 211 -1.90 -2.82 8.01
N ILE A 212 -2.02 -2.40 9.27
CA ILE A 212 -2.61 -3.22 10.35
C ILE A 212 -3.88 -2.57 10.88
N ARG A 213 -4.76 -3.38 11.44
CA ARG A 213 -6.02 -2.88 11.98
C ARG A 213 -5.74 -1.89 13.15
N PRO A 214 -6.63 -0.91 13.30
CA PRO A 214 -6.38 0.16 14.29
C PRO A 214 -6.40 -0.40 15.71
N GLY A 215 -7.12 -1.48 16.02
CA GLY A 215 -7.16 -2.08 17.33
C GLY A 215 -5.89 -2.72 17.81
N PHE A 216 -4.84 -2.77 16.96
CA PHE A 216 -3.49 -3.17 17.45
C PHE A 216 -2.80 -1.94 18.10
N ILE A 217 -3.37 -0.76 17.92
CA ILE A 217 -2.80 0.49 18.49
C ILE A 217 -3.75 1.10 19.49
N LEU A 218 -5.04 1.13 19.18
CA LEU A 218 -6.04 1.73 19.99
C LEU A 218 -6.89 0.70 20.61
N ALA A 219 -7.14 0.78 21.93
CA ALA A 219 -8.03 -0.15 22.58
C ALA A 219 -9.49 -0.06 22.07
N LYS A 220 -10.06 -1.26 21.96
CA LYS A 220 -11.46 -1.48 21.56
C LYS A 220 -11.79 -0.97 20.18
N GLU A 221 -10.81 -0.89 19.30
CA GLU A 221 -11.08 -0.67 17.86
C GLU A 221 -10.87 -1.98 17.19
N ASN A 222 -11.30 -2.05 15.94
CA ASN A 222 -11.24 -3.31 15.20
C ASN A 222 -9.84 -3.92 15.21
N GLY A 223 -9.73 -5.15 15.65
CA GLY A 223 -8.50 -5.84 15.84
C GLY A 223 -7.95 -5.98 17.23
N ASP A 224 -8.59 -5.24 18.17
CA ASP A 224 -8.21 -5.44 19.59
C ASP A 224 -8.77 -6.75 20.11
N SER A 225 -7.94 -7.73 20.27
CA SER A 225 -8.40 -9.06 20.78
C SER A 225 -8.95 -9.02 22.17
N ARG A 226 -8.59 -8.02 22.94
CA ARG A 226 -9.08 -7.86 24.29
C ARG A 226 -10.25 -6.91 24.39
N ALA A 227 -10.90 -6.50 23.30
CA ALA A 227 -11.91 -5.47 23.36
C ALA A 227 -13.02 -5.81 24.35
N ALA A 228 -13.54 -7.05 24.36
CA ALA A 228 -14.70 -7.39 25.23
C ALA A 228 -14.38 -7.33 26.69
N ALA A 229 -13.11 -7.57 27.06
CA ALA A 229 -12.66 -7.53 28.40
C ALA A 229 -12.42 -6.11 28.90
N ARG A 230 -12.36 -5.11 28.03
CA ARG A 230 -11.96 -3.82 28.43
C ARG A 230 -13.18 -2.88 28.63
N PRO A 231 -13.07 -1.89 29.50
CA PRO A 231 -14.19 -0.98 29.74
C PRO A 231 -14.42 -0.05 28.66
N ASP A 232 -15.67 0.40 28.47
CA ASP A 232 -15.98 1.30 27.40
C ASP A 232 -15.10 2.56 27.39
N TRP A 233 -14.72 3.08 28.55
CA TRP A 233 -13.95 4.29 28.57
C TRP A 233 -12.55 4.15 27.91
N ALA A 234 -12.08 2.91 27.85
CA ALA A 234 -10.76 2.60 27.30
C ALA A 234 -10.75 2.69 25.79
N LYS A 235 -11.92 2.75 25.13
CA LYS A 235 -11.91 2.90 23.67
C LYS A 235 -11.13 4.10 23.24
N ASP A 236 -10.23 3.90 22.27
CA ASP A 236 -9.48 4.94 21.60
C ASP A 236 -8.38 5.54 22.54
N GLY A 237 -8.07 4.83 23.59
CA GLY A 237 -6.79 5.04 24.35
C GLY A 237 -5.73 4.09 23.82
N SER A 238 -4.49 4.36 24.20
CA SER A 238 -3.37 3.50 23.79
C SER A 238 -2.38 3.44 24.97
N PHE A 239 -1.61 2.38 25.05
CA PHE A 239 -0.57 2.19 26.06
C PHE A 239 0.70 2.84 25.58
N LEU A 240 1.19 3.76 26.42
CA LEU A 240 2.42 4.52 26.23
C LEU A 240 3.49 3.85 27.10
N THR A 241 4.49 3.26 26.49
CA THR A 241 5.71 2.80 27.21
C THR A 241 6.75 3.88 27.13
N PHE A 242 7.27 4.30 28.31
CA PHE A 242 8.41 5.24 28.41
C PHE A 242 9.63 4.53 28.94
N ARG A 243 10.77 4.69 28.27
CA ARG A 243 12.08 4.15 28.71
C ARG A 243 13.11 5.23 28.61
N TYR A 244 13.76 5.51 29.74
CA TYR A 244 14.82 6.54 29.75
C TYR A 244 16.16 5.92 29.46
N LEU A 245 16.53 5.93 28.20
CA LEU A 245 17.63 5.04 27.72
C LEU A 245 18.91 5.79 27.49
N PHE A 246 19.86 5.67 28.40
CA PHE A 246 21.15 6.39 28.20
C PHE A 246 21.97 5.59 27.20
N GLN A 247 22.69 6.28 26.36
CA GLN A 247 23.56 5.64 25.38
C GLN A 247 25.02 5.96 25.68
N MET A 248 25.85 4.96 25.50
CA MET A 248 27.28 5.02 25.70
C MET A 248 28.00 5.10 24.35
N VAL A 249 28.06 6.32 23.81
CA VAL A 249 28.46 6.56 22.43
C VAL A 249 29.92 6.29 22.15
N PRO A 250 30.80 6.94 22.89
CA PRO A 250 32.23 6.64 22.69
C PRO A 250 32.56 5.15 22.85
N GLU A 251 31.90 4.49 23.78
CA GLU A 251 32.06 3.08 24.05
C GLU A 251 31.63 2.25 22.88
N PHE A 252 30.52 2.57 22.30
CA PHE A 252 30.06 1.89 21.09
C PHE A 252 31.01 2.12 19.93
N ASP A 253 31.44 3.34 19.75
CA ASP A 253 32.39 3.67 18.68
C ASP A 253 33.71 2.88 18.88
N ASP A 254 34.19 2.81 20.08
CA ASP A 254 35.42 1.99 20.46
C ASP A 254 35.24 0.49 20.14
N PHE A 255 34.09 -0.06 20.56
CA PHE A 255 33.70 -1.39 20.16
C PHE A 255 33.83 -1.64 18.68
N LEU A 256 33.20 -0.81 17.88
CA LEU A 256 33.22 -0.98 16.42
C LEU A 256 34.65 -0.88 15.90
N GLU A 257 35.40 0.13 16.35
CA GLU A 257 36.77 0.30 15.93
C GLU A 257 37.64 -0.89 16.28
N SER A 258 37.30 -1.56 17.35
CA SER A 258 38.14 -2.67 17.90
C SER A 258 37.77 -3.99 17.26
N ASN A 259 36.68 -4.05 16.50
CA ASN A 259 36.16 -5.30 15.91
C ASN A 259 35.81 -5.14 14.42
N PRO A 260 36.67 -4.51 13.60
CA PRO A 260 36.32 -4.34 12.19
C PRO A 260 36.08 -5.68 11.53
N ILE A 261 35.09 -5.75 10.67
CA ILE A 261 34.83 -7.01 9.92
C ILE A 261 35.98 -7.18 8.96
N VAL A 262 36.62 -8.34 8.99
CA VAL A 262 37.75 -8.65 8.13
C VAL A 262 37.14 -9.34 6.94
N LEU A 263 37.15 -8.61 5.82
CA LEU A 263 36.48 -9.08 4.58
C LEU A 263 37.47 -8.59 3.47
N PRO A 264 37.80 -9.45 2.49
CA PRO A 264 38.73 -9.04 1.44
C PRO A 264 38.34 -7.70 0.85
N GLY A 265 39.31 -6.84 0.81
CA GLY A 265 39.10 -5.58 0.18
C GLY A 265 38.64 -4.44 1.10
N LEU A 266 38.25 -4.75 2.33
CA LEU A 266 37.87 -3.65 3.25
C LEU A 266 39.00 -3.20 4.12
N SER A 267 39.06 -1.90 4.34
CA SER A 267 39.97 -1.34 5.33
C SER A 267 39.42 -1.51 6.75
N ARG A 268 40.22 -1.26 7.79
CA ARG A 268 39.71 -1.35 9.14
C ARG A 268 38.55 -0.38 9.31
N LYS A 269 38.71 0.84 8.81
CA LYS A 269 37.63 1.84 8.93
C LYS A 269 36.33 1.34 8.27
N GLU A 270 36.42 0.75 7.06
CA GLU A 270 35.23 0.29 6.40
C GLU A 270 34.64 -0.95 7.12
N GLY A 271 35.52 -1.79 7.65
CA GLY A 271 34.99 -2.97 8.36
C GLY A 271 34.27 -2.61 9.62
N SER A 272 34.71 -1.54 10.28
CA SER A 272 34.08 -1.10 11.51
C SER A 272 32.74 -0.49 11.17
N GLU A 273 32.69 0.26 10.08
CA GLU A 273 31.42 0.89 9.64
C GLU A 273 30.38 -0.16 9.28
N LEU A 274 30.85 -1.21 8.61
CA LEU A 274 29.99 -2.34 8.17
C LEU A 274 29.50 -3.05 9.42
N LEU A 275 30.34 -3.24 10.44
CA LEU A 275 29.86 -3.90 11.64
C LEU A 275 28.71 -3.17 12.27
N GLY A 276 28.86 -1.84 12.38
CA GLY A 276 27.76 -1.03 12.96
C GLY A 276 26.47 -1.22 12.20
N ALA A 277 26.58 -1.15 10.90
CA ALA A 277 25.42 -1.31 10.01
C ALA A 277 24.76 -2.65 10.19
N ARG A 278 25.59 -3.67 10.36
CA ARG A 278 25.11 -5.07 10.51
C ARG A 278 24.49 -5.32 11.89
N ILE A 279 24.93 -4.61 12.91
CA ILE A 279 24.35 -4.71 14.22
C ILE A 279 22.97 -4.02 14.22
N VAL A 280 22.81 -2.93 13.49
CA VAL A 280 21.54 -2.19 13.49
C VAL A 280 20.57 -2.76 12.49
N GLY A 281 21.07 -3.13 11.32
CA GLY A 281 20.24 -3.46 10.14
C GLY A 281 20.13 -2.37 9.11
N ARG A 282 20.76 -1.23 9.41
CA ARG A 282 20.84 -0.11 8.47
C ARG A 282 22.14 0.57 8.63
N TRP A 283 22.65 1.13 7.51
CA TRP A 283 23.74 2.09 7.59
C TRP A 283 23.26 3.33 8.35
N LYS A 284 24.21 4.12 8.81
CA LYS A 284 23.87 5.36 9.54
C LYS A 284 22.96 6.24 8.76
N SER A 285 23.11 6.27 7.43
CA SER A 285 22.19 7.02 6.59
C SER A 285 20.73 6.62 6.63
N GLY A 286 20.44 5.37 7.03
CA GLY A 286 19.14 4.80 6.99
C GLY A 286 18.99 3.75 5.91
N ALA A 287 19.98 3.61 5.02
CA ALA A 287 19.86 2.63 3.97
C ALA A 287 19.84 1.20 4.59
N PRO A 288 18.89 0.36 4.22
CA PRO A 288 18.80 -0.94 4.80
C PRO A 288 19.84 -1.84 4.22
N ILE A 289 20.54 -2.59 5.07
CA ILE A 289 21.57 -3.50 4.58
C ILE A 289 20.92 -4.63 3.79
N GLU A 290 19.65 -5.01 4.00
CA GLU A 290 19.04 -6.05 3.25
C GLU A 290 19.02 -5.71 1.74
N ILE A 291 18.87 -4.43 1.43
CA ILE A 291 18.87 -3.94 0.02
C ILE A 291 20.30 -3.68 -0.40
N THR A 292 21.11 -3.00 0.42
CA THR A 292 22.48 -2.66 0.07
C THR A 292 23.49 -3.20 1.12
N PRO A 293 23.86 -4.49 0.99
CA PRO A 293 24.62 -5.14 2.10
C PRO A 293 26.12 -4.86 2.13
N LEU A 294 26.68 -4.32 1.02
CA LEU A 294 28.12 -4.19 0.93
C LEU A 294 28.60 -2.82 1.22
N LYS A 295 27.78 -1.82 0.92
CA LYS A 295 28.18 -0.45 1.10
C LYS A 295 26.92 0.42 1.24
N ASP A 296 27.12 1.60 1.79
CA ASP A 296 25.99 2.52 2.05
C ASP A 296 25.47 2.99 0.68
N ASP A 297 24.20 3.42 0.66
CA ASP A 297 23.58 4.09 -0.51
C ASP A 297 22.75 5.24 0.06
N PRO A 298 23.35 6.43 0.19
CA PRO A 298 22.63 7.62 0.76
C PRO A 298 21.40 8.07 -0.01
N LYS A 299 21.36 7.82 -1.30
CA LYS A 299 20.19 8.18 -2.10
C LYS A 299 18.99 7.27 -1.76
N LEU A 300 19.30 5.99 -1.60
CA LEU A 300 18.27 5.00 -1.18
C LEU A 300 17.77 5.43 0.19
N ALA A 301 18.70 5.73 1.06
CA ALA A 301 18.36 6.11 2.45
C ALA A 301 17.31 7.25 2.49
N ALA A 302 17.47 8.23 1.63
CA ALA A 302 16.67 9.45 1.67
C ALA A 302 15.34 9.24 0.98
N ASP A 303 15.09 8.09 0.35
CA ASP A 303 13.85 7.87 -0.40
C ASP A 303 12.90 6.95 0.39
N ALA A 304 11.87 7.54 1.00
CA ALA A 304 10.85 6.81 1.72
C ALA A 304 10.12 5.82 0.87
N GLN A 305 10.10 6.03 -0.44
CA GLN A 305 9.46 5.08 -1.32
C GLN A 305 10.25 3.79 -1.50
N ARG A 306 11.51 3.77 -1.11
CA ARG A 306 12.34 2.60 -1.33
C ARG A 306 13.05 2.05 -0.08
N ASN A 307 13.31 2.92 0.92
CA ASN A 307 14.20 2.58 2.01
C ASN A 307 13.57 1.56 2.99
N ASN A 308 12.33 1.17 2.82
CA ASN A 308 11.71 0.18 3.72
C ASN A 308 11.07 -1.00 3.03
N LYS A 309 11.31 -1.12 1.72
CA LYS A 309 10.68 -2.19 0.92
C LYS A 309 11.60 -3.40 0.89
N PHE A 310 11.54 -4.18 1.95
CA PHE A 310 12.30 -5.45 2.08
C PHE A 310 11.58 -6.25 3.14
N ASP A 311 11.72 -7.56 3.09
CA ASP A 311 11.04 -8.42 4.02
C ASP A 311 11.93 -9.56 4.58
N PHE A 312 13.22 -9.56 4.20
CA PHE A 312 14.17 -10.64 4.53
C PHE A 312 13.99 -11.96 3.75
N GLY A 313 13.10 -11.92 2.79
CA GLY A 313 12.88 -13.04 1.88
C GLY A 313 12.70 -14.32 2.61
N ASP A 314 13.41 -15.38 2.16
CA ASP A 314 13.43 -16.63 2.87
C ASP A 314 14.85 -16.90 3.45
N SER A 315 15.57 -15.81 3.82
CA SER A 315 16.95 -15.96 4.26
C SER A 315 17.06 -16.76 5.56
N LEU A 316 16.09 -16.60 6.46
CA LEU A 316 16.10 -17.38 7.68
C LEU A 316 16.04 -18.88 7.42
N VAL A 317 15.07 -19.34 6.65
CA VAL A 317 14.92 -20.82 6.39
C VAL A 317 16.14 -21.37 5.59
N ARG A 318 16.73 -20.52 4.80
CA ARG A 318 18.01 -20.83 4.11
C ARG A 318 19.24 -20.73 4.98
N GLY A 319 19.13 -20.17 6.18
CA GLY A 319 20.30 -20.04 7.04
C GLY A 319 21.28 -19.04 6.51
N ASP A 320 20.83 -18.05 5.76
CA ASP A 320 21.71 -17.13 5.09
C ASP A 320 21.74 -15.77 5.78
N GLN A 321 22.89 -15.46 6.35
CA GLN A 321 23.09 -14.16 7.05
C GLN A 321 23.98 -13.26 6.26
N THR A 322 24.22 -13.61 4.98
CA THR A 322 25.14 -12.77 4.21
C THR A 322 24.75 -11.29 4.10
N LYS A 323 23.47 -10.99 3.91
CA LYS A 323 22.99 -9.59 3.74
C LYS A 323 22.74 -8.94 5.09
N CYS A 324 22.34 -9.71 6.07
CA CYS A 324 21.84 -9.14 7.38
C CYS A 324 21.93 -10.23 8.42
N PRO A 325 22.63 -10.01 9.53
CA PRO A 325 22.57 -10.95 10.65
C PRO A 325 21.18 -11.19 11.12
N PHE A 326 20.87 -12.38 11.59
CA PHE A 326 19.59 -12.62 12.21
C PHE A 326 19.30 -11.76 13.42
N ALA A 327 20.38 -11.38 14.13
CA ALA A 327 20.25 -10.62 15.38
C ALA A 327 20.38 -9.09 15.21
N ALA A 328 20.34 -8.61 13.97
CA ALA A 328 20.32 -7.15 13.73
C ALA A 328 19.15 -6.54 14.46
N HIS A 329 19.33 -5.32 14.99
CA HIS A 329 18.26 -4.73 15.82
C HIS A 329 16.93 -4.64 15.17
N ILE A 330 16.90 -4.22 13.93
CA ILE A 330 15.57 -4.03 13.31
C ILE A 330 14.91 -5.37 13.07
N ARG A 331 15.73 -6.43 12.87
CA ARG A 331 15.18 -7.75 12.62
C ARG A 331 14.67 -8.44 13.87
N LYS A 332 15.35 -8.18 14.99
CA LYS A 332 14.92 -8.58 16.32
C LYS A 332 13.63 -7.88 16.71
N THR A 333 13.34 -6.70 16.23
CA THR A 333 12.21 -5.93 16.71
C THR A 333 11.03 -5.91 15.72
N TYR A 334 11.30 -6.11 14.45
CA TYR A 334 10.24 -6.37 13.47
C TYR A 334 10.76 -7.48 12.54
N PRO A 335 10.39 -8.72 12.83
CA PRO A 335 10.97 -9.88 12.07
C PRO A 335 10.58 -10.00 10.62
N ARG A 336 9.54 -9.30 10.17
CA ARG A 336 9.10 -9.44 8.78
C ARG A 336 8.91 -10.89 8.40
N ASN A 337 9.42 -11.29 7.23
CA ASN A 337 9.16 -12.67 6.78
C ASN A 337 9.80 -13.73 7.62
N ASP A 338 10.70 -13.36 8.52
CA ASP A 338 11.23 -14.42 9.39
C ASP A 338 10.08 -15.15 10.10
N LEU A 339 9.05 -14.37 10.57
CA LEU A 339 7.87 -14.95 11.18
C LEU A 339 6.67 -15.04 10.26
N GLU A 340 6.59 -14.09 9.32
CA GLU A 340 5.36 -14.00 8.47
C GLU A 340 5.41 -14.91 7.32
N GLY A 341 6.63 -15.35 6.98
CA GLY A 341 6.75 -16.27 5.82
C GLY A 341 6.65 -17.68 6.33
N PRO A 342 6.85 -18.70 5.43
CA PRO A 342 6.94 -20.08 5.86
C PRO A 342 8.17 -20.23 6.80
N PRO A 343 8.14 -21.14 7.79
CA PRO A 343 7.08 -22.12 7.99
C PRO A 343 5.91 -21.63 8.85
N LEU A 344 6.13 -20.58 9.65
CA LEU A 344 5.12 -20.23 10.64
C LEU A 344 3.88 -19.54 10.03
N LYS A 345 4.10 -18.69 9.04
CA LYS A 345 3.06 -17.80 8.47
C LYS A 345 2.28 -17.11 9.61
N ALA A 346 3.04 -16.55 10.53
CA ALA A 346 2.48 -15.95 11.71
C ALA A 346 1.89 -14.61 11.44
N ASP A 347 0.87 -14.28 12.20
CA ASP A 347 0.33 -12.94 12.20
C ASP A 347 1.01 -12.21 13.36
N ILE A 348 1.90 -11.28 13.08
CA ILE A 348 2.56 -10.53 14.14
C ILE A 348 2.09 -9.08 14.17
N ASP A 349 0.84 -8.78 13.70
CA ASP A 349 0.33 -7.39 13.84
C ASP A 349 0.27 -6.93 15.29
N ASN A 350 0.03 -7.87 16.21
CA ASN A 350 0.03 -7.52 17.63
C ASN A 350 1.39 -7.28 18.21
N ARG A 351 2.45 -7.46 17.47
CA ARG A 351 3.80 -7.16 17.94
C ARG A 351 4.23 -5.80 17.44
N ARG A 352 3.41 -5.10 16.68
CA ARG A 352 3.82 -3.83 16.11
C ARG A 352 3.66 -2.73 17.14
N ILE A 353 4.53 -1.73 17.01
CA ILE A 353 4.50 -0.54 17.85
C ILE A 353 4.77 0.68 17.06
N ILE A 354 4.19 1.80 17.54
CA ILE A 354 4.48 3.07 16.94
C ILE A 354 5.42 3.79 17.88
N ARG A 355 6.59 4.19 17.38
CA ARG A 355 7.61 4.88 18.22
C ARG A 355 7.60 6.36 18.03
N ARG A 356 7.76 7.09 19.13
CA ARG A 356 7.77 8.56 19.11
C ARG A 356 9.04 9.04 19.90
N GLY A 357 10.18 8.41 19.69
CA GLY A 357 11.44 8.80 20.42
C GLY A 357 11.91 10.18 20.13
N ILE A 358 12.60 10.71 21.10
CA ILE A 358 13.37 11.90 20.86
C ILE A 358 14.70 11.72 21.63
N GLN A 359 15.74 12.27 21.08
CA GLN A 359 17.03 12.20 21.67
C GLN A 359 17.12 13.13 22.90
N PHE A 360 18.14 12.85 23.74
CA PHE A 360 18.50 13.84 24.75
C PHE A 360 19.99 13.95 24.87
N GLY A 361 20.44 15.10 25.42
CA GLY A 361 21.88 15.25 25.68
C GLY A 361 22.66 15.93 24.69
N PRO A 362 23.86 16.39 25.08
CA PRO A 362 24.78 17.07 24.20
C PRO A 362 25.50 16.13 23.22
N GLU A 363 26.15 16.74 22.22
CA GLU A 363 27.00 15.96 21.27
C GLU A 363 28.23 15.44 22.03
N VAL A 364 28.88 14.40 21.54
CA VAL A 364 30.11 13.83 22.15
C VAL A 364 31.22 14.91 22.06
N THR A 365 31.88 15.10 23.19
CA THR A 365 32.91 16.15 23.26
C THR A 365 34.28 15.62 22.81
N SER A 366 35.17 16.57 22.46
CA SER A 366 36.55 16.15 22.09
C SER A 366 37.19 15.30 23.14
N GLN A 367 36.99 15.60 24.43
CA GLN A 367 37.62 14.84 25.50
C GLN A 367 37.02 13.41 25.54
N GLU A 368 35.69 13.33 25.41
CA GLU A 368 35.07 12.02 25.35
C GLU A 368 35.58 11.23 24.20
N HIS A 369 35.68 11.83 23.03
CA HIS A 369 36.24 11.11 21.85
C HIS A 369 37.67 10.63 22.13
N HIS A 370 38.49 11.49 22.77
CA HIS A 370 39.89 11.11 23.05
C HIS A 370 39.94 9.99 24.02
N ASP A 371 39.13 10.07 25.10
CA ASP A 371 39.12 9.13 26.15
C ASP A 371 38.44 7.80 25.77
N LYS A 372 37.62 7.83 24.72
CA LYS A 372 36.71 6.73 24.35
C LYS A 372 35.81 6.39 25.49
N LYS A 373 35.37 7.37 26.27
CA LYS A 373 34.51 7.13 27.40
C LYS A 373 33.47 8.25 27.50
N THR A 374 32.30 7.86 27.94
CA THR A 374 31.21 8.79 28.22
C THR A 374 31.48 9.60 29.49
N HIS A 375 31.33 10.89 29.35
CA HIS A 375 31.37 11.84 30.48
C HIS A 375 30.09 12.61 30.68
N HIS A 376 29.17 12.63 29.71
CA HIS A 376 27.94 13.36 29.77
C HIS A 376 26.80 12.41 29.43
N GLY A 377 25.65 12.62 30.02
CA GLY A 377 24.49 11.76 29.81
C GLY A 377 23.91 12.17 28.45
N ARG A 378 23.58 11.15 27.67
CA ARG A 378 22.88 11.38 26.43
C ARG A 378 22.15 10.10 26.09
N GLY A 379 21.19 10.18 25.20
CA GLY A 379 20.43 8.97 24.86
C GLY A 379 19.12 9.22 24.16
N LEU A 380 18.18 8.36 24.45
CA LEU A 380 16.88 8.35 23.82
C LEU A 380 15.79 8.34 24.90
N LEU A 381 14.87 9.29 24.78
CA LEU A 381 13.57 9.17 25.50
C LEU A 381 12.69 8.28 24.65
N PHE A 382 12.78 6.99 24.90
CA PHE A 382 12.04 6.01 24.10
C PHE A 382 10.56 6.07 24.52
N VAL A 383 9.69 6.26 23.55
CA VAL A 383 8.28 6.17 23.78
C VAL A 383 7.64 5.32 22.68
N CYS A 384 6.82 4.36 23.00
CA CYS A 384 6.08 3.61 21.94
C CYS A 384 4.66 3.38 22.41
N TYR A 385 3.78 3.21 21.45
CA TYR A 385 2.39 2.96 21.61
C TYR A 385 1.93 1.69 20.97
N SER A 386 1.01 1.02 21.62
CA SER A 386 0.22 -0.05 21.03
C SER A 386 -0.95 -0.35 21.97
N SER A 387 -1.88 -1.21 21.56
CA SER A 387 -2.98 -1.54 22.39
C SER A 387 -2.67 -2.65 23.35
N SER A 388 -1.40 -3.11 23.41
CA SER A 388 -1.03 -4.15 24.33
C SER A 388 0.49 -4.08 24.54
N ILE A 389 0.89 -3.71 25.75
CA ILE A 389 2.34 -3.79 26.15
C ILE A 389 2.76 -5.24 26.26
N ASP A 390 1.82 -6.09 26.74
CA ASP A 390 2.09 -7.52 26.86
C ASP A 390 2.44 -8.11 25.47
N ASP A 391 1.73 -7.69 24.43
CA ASP A 391 1.97 -8.24 23.09
C ASP A 391 3.07 -7.53 22.37
N GLY A 392 3.27 -6.24 22.66
CA GLY A 392 4.21 -5.38 22.01
C GLY A 392 5.55 -5.20 22.71
N PHE A 393 5.68 -4.00 23.29
CA PHE A 393 6.95 -3.67 23.92
C PHE A 393 7.53 -4.76 24.80
N HIS A 394 6.76 -5.30 25.77
CA HIS A 394 7.35 -6.28 26.67
C HIS A 394 7.83 -7.53 25.92
N PHE A 395 6.97 -8.05 25.03
CA PHE A 395 7.27 -9.25 24.28
C PHE A 395 8.53 -9.05 23.43
N ILE A 396 8.61 -7.92 22.76
CA ILE A 396 9.71 -7.62 21.92
C ILE A 396 11.00 -7.67 22.74
N GLN A 397 10.98 -6.97 23.87
CA GLN A 397 12.16 -6.94 24.70
C GLN A 397 12.55 -8.29 25.19
N GLU A 398 11.59 -9.02 25.81
CA GLU A 398 11.95 -10.27 26.49
C GLU A 398 12.11 -11.42 25.56
N SER A 399 11.15 -11.58 24.66
CA SER A 399 11.08 -12.76 23.81
C SER A 399 11.91 -12.71 22.54
N TRP A 400 12.26 -11.52 22.06
CA TRP A 400 13.02 -11.33 20.83
C TRP A 400 14.42 -10.77 21.14
N ALA A 401 14.53 -9.52 21.57
CA ALA A 401 15.83 -8.86 21.81
C ALA A 401 16.68 -9.59 22.85
N ASN A 402 16.10 -10.07 23.92
CA ASN A 402 16.85 -10.66 25.01
C ASN A 402 17.11 -12.18 24.77
N ALA A 403 16.52 -12.75 23.71
CA ALA A 403 16.45 -14.22 23.49
C ALA A 403 17.52 -14.61 22.51
N PRO A 404 18.65 -15.17 22.97
CA PRO A 404 19.76 -15.47 22.03
C PRO A 404 19.45 -16.48 20.96
N ASN A 405 18.42 -17.30 21.20
CA ASN A 405 18.05 -18.26 20.19
C ASN A 405 17.01 -17.78 19.21
N PHE A 406 16.44 -16.58 19.45
CA PHE A 406 15.44 -16.02 18.53
C PHE A 406 16.11 -15.38 17.30
N PRO A 407 15.70 -15.65 16.05
CA PRO A 407 14.45 -16.26 15.67
C PRO A 407 14.58 -17.74 15.25
N VAL A 408 15.70 -18.34 15.51
CA VAL A 408 15.89 -19.75 15.14
C VAL A 408 14.91 -20.65 15.91
N ASN A 409 14.77 -20.40 17.21
CA ASN A 409 13.93 -21.19 18.09
C ASN A 409 12.47 -21.18 17.54
N ALA A 410 12.03 -20.01 17.10
CA ALA A 410 10.65 -19.85 16.65
C ALA A 410 10.40 -20.62 15.41
N VAL A 411 11.31 -20.55 14.43
CA VAL A 411 11.01 -21.26 13.18
C VAL A 411 11.29 -22.77 13.26
N THR A 412 12.25 -23.20 14.06
CA THR A 412 12.49 -24.65 14.19
C THR A 412 11.45 -25.30 15.10
N SER A 413 10.60 -24.50 15.79
CA SER A 413 9.44 -25.05 16.52
C SER A 413 8.55 -25.87 15.54
N ALA A 414 8.51 -25.47 14.27
CA ALA A 414 7.55 -26.02 13.30
C ALA A 414 8.09 -27.23 12.55
N GLY A 415 9.40 -27.47 12.60
CA GLY A 415 9.98 -28.54 11.75
C GLY A 415 11.48 -28.35 11.73
N PRO A 416 12.22 -29.40 11.36
CA PRO A 416 13.66 -29.24 11.34
C PRO A 416 14.06 -28.45 10.11
N ILE A 417 15.04 -27.56 10.27
CA ILE A 417 15.58 -26.75 9.24
C ILE A 417 17.12 -26.92 9.33
N PRO A 418 17.69 -27.87 8.55
CA PRO A 418 19.08 -28.19 8.67
C PRO A 418 20.08 -27.02 8.52
N PRO A 419 19.80 -26.01 7.63
CA PRO A 419 20.74 -24.86 7.57
C PRO A 419 20.81 -24.07 8.83
N LEU A 420 19.86 -24.27 9.76
CA LEU A 420 19.88 -23.53 11.05
C LEU A 420 20.48 -24.39 12.18
N ASP A 421 20.97 -25.61 11.87
CA ASP A 421 21.54 -26.38 12.97
C ASP A 421 22.75 -25.65 13.58
N GLY A 422 22.73 -25.55 14.90
CA GLY A 422 23.78 -24.90 15.63
C GLY A 422 23.75 -23.38 15.58
N VAL A 423 22.81 -22.79 14.84
CA VAL A 423 22.87 -21.31 14.71
C VAL A 423 22.19 -20.68 15.95
N VAL A 424 22.91 -19.78 16.59
CA VAL A 424 22.54 -19.11 17.81
C VAL A 424 22.73 -17.59 17.49
N PRO A 425 21.62 -16.91 17.09
CA PRO A 425 21.80 -15.53 16.67
C PRO A 425 22.48 -14.64 17.70
N GLY A 426 22.17 -14.85 18.97
CA GLY A 426 22.62 -14.01 20.04
C GLY A 426 21.70 -12.85 20.31
N PHE A 427 22.20 -11.97 21.14
CA PHE A 427 21.45 -10.82 21.59
C PHE A 427 21.36 -9.71 20.53
N ASP A 428 20.26 -8.96 20.61
CA ASP A 428 20.18 -7.66 19.99
C ASP A 428 21.26 -6.82 20.69
N ALA A 429 22.25 -6.33 19.95
CA ALA A 429 23.38 -5.67 20.59
C ALA A 429 23.11 -4.23 20.91
N ILE A 430 21.98 -3.73 20.49
CA ILE A 430 21.61 -2.36 20.87
C ILE A 430 20.82 -2.36 22.19
N ILE A 431 19.77 -3.17 22.25
CA ILE A 431 18.87 -3.18 23.39
C ILE A 431 18.77 -4.51 24.15
N GLY A 432 19.35 -5.57 23.62
CA GLY A 432 19.17 -6.88 24.34
C GLY A 432 19.79 -6.89 25.71
N GLN A 433 19.10 -7.40 26.72
CA GLN A 433 19.59 -7.41 28.09
C GLN A 433 19.60 -8.82 28.58
N LYS A 434 20.59 -9.15 29.39
CA LYS A 434 20.69 -10.51 29.95
C LYS A 434 20.39 -10.31 31.47
N VAL A 435 19.36 -10.97 31.99
CA VAL A 435 19.05 -10.96 33.39
C VAL A 435 20.29 -11.41 34.23
N GLY A 436 20.63 -10.59 35.20
CA GLY A 436 21.87 -10.76 35.97
C GLY A 436 23.07 -10.08 35.46
N GLY A 437 22.95 -9.43 34.29
CA GLY A 437 24.08 -8.72 33.71
C GLY A 437 25.26 -9.57 33.29
N GLY A 438 25.03 -10.80 32.90
CA GLY A 438 26.14 -11.66 32.40
C GLY A 438 26.57 -11.44 30.96
N ILE A 439 27.27 -12.41 30.39
CA ILE A 439 27.96 -12.26 29.12
C ILE A 439 26.92 -12.30 28.00
N ARG A 440 26.89 -11.27 27.14
CA ARG A 440 26.13 -11.30 25.88
C ARG A 440 27.01 -11.44 24.65
N GLN A 441 26.55 -12.16 23.65
CA GLN A 441 27.28 -12.41 22.39
C GLN A 441 26.29 -12.16 21.25
N ILE A 442 26.86 -11.87 20.08
CA ILE A 442 26.17 -11.71 18.85
C ILE A 442 26.88 -12.46 17.75
N SER A 443 26.19 -13.34 17.01
CA SER A 443 26.81 -14.08 15.91
C SER A 443 26.36 -13.53 14.60
N GLY A 444 26.95 -14.02 13.52
CA GLY A 444 26.51 -13.71 12.19
C GLY A 444 26.97 -12.37 11.64
N THR A 445 27.76 -11.59 12.41
CA THR A 445 28.16 -10.29 11.92
C THR A 445 29.20 -10.34 10.76
N ASN A 446 30.07 -11.35 10.66
CA ASN A 446 31.00 -11.43 9.53
C ASN A 446 30.29 -12.26 8.43
N PRO A 447 30.00 -11.67 7.27
CA PRO A 447 29.26 -12.39 6.22
C PRO A 447 29.94 -13.65 5.75
N ASN A 448 31.25 -13.69 5.87
CA ASN A 448 31.98 -14.90 5.43
C ASN A 448 32.11 -15.98 6.46
N ASP A 449 31.84 -15.69 7.74
CA ASP A 449 32.04 -16.68 8.81
C ASP A 449 30.88 -16.47 9.83
N PRO A 450 29.67 -16.93 9.47
CA PRO A 450 28.51 -16.66 10.35
C PRO A 450 28.54 -17.28 11.69
N THR A 451 29.35 -18.33 11.85
CA THR A 451 29.35 -19.04 13.10
C THR A 451 30.11 -18.31 14.18
N THR A 452 30.99 -17.39 13.81
CA THR A 452 31.75 -16.68 14.84
C THR A 452 30.88 -15.66 15.58
N ASN A 453 31.05 -15.66 16.88
CA ASN A 453 30.41 -14.71 17.80
C ASN A 453 31.38 -13.64 18.20
N ILE A 454 30.85 -12.46 18.43
CA ILE A 454 31.58 -11.43 19.17
C ILE A 454 30.95 -11.41 20.52
N THR A 455 31.81 -11.42 21.54
CA THR A 455 31.41 -11.31 22.88
C THR A 455 31.36 -9.83 23.24
N LEU A 456 30.19 -9.29 23.63
CA LEU A 456 30.08 -7.87 23.83
C LEU A 456 30.80 -7.38 25.07
N PRO A 457 31.25 -6.14 25.08
CA PRO A 457 31.88 -5.60 26.26
C PRO A 457 30.94 -5.59 27.43
N ASP A 458 31.43 -5.71 28.66
CA ASP A 458 30.53 -5.89 29.78
C ASP A 458 29.64 -4.66 30.04
N GLN A 459 30.18 -3.49 29.71
CA GLN A 459 29.30 -2.27 29.69
C GLN A 459 28.39 -2.30 28.44
N ASP A 460 27.09 -2.47 28.71
CA ASP A 460 26.07 -2.41 27.72
C ASP A 460 26.06 -0.99 27.10
N PHE A 461 25.81 -0.96 25.81
CA PHE A 461 25.76 0.27 25.08
C PHE A 461 24.58 1.14 25.44
N VAL A 462 23.49 0.52 25.89
CA VAL A 462 22.23 1.24 26.29
C VAL A 462 21.95 0.86 27.72
N VAL A 463 21.73 1.85 28.56
CA VAL A 463 21.55 1.67 30.01
C VAL A 463 20.20 2.30 30.41
N PRO A 464 19.20 1.52 30.79
CA PRO A 464 17.97 2.11 31.25
C PRO A 464 18.11 2.75 32.61
N ARG A 465 17.59 3.99 32.76
CA ARG A 465 17.65 4.67 34.03
C ARG A 465 16.32 5.14 34.55
N GLY A 466 15.24 4.63 33.97
CA GLY A 466 13.92 4.97 34.44
C GLY A 466 12.89 4.53 33.41
N GLY A 467 11.65 4.50 33.84
CA GLY A 467 10.59 4.12 32.92
C GLY A 467 9.30 3.94 33.63
N GLU A 468 8.20 4.04 32.90
CA GLU A 468 6.89 3.60 33.40
C GLU A 468 5.96 3.34 32.21
N TYR A 469 4.92 2.54 32.47
CA TYR A 469 3.86 2.20 31.51
C TYR A 469 2.66 3.05 31.85
N PHE A 470 2.11 3.69 30.84
CA PHE A 470 1.00 4.58 30.98
C PHE A 470 -0.10 4.23 29.95
N PHE A 471 -1.29 4.74 30.21
CA PHE A 471 -2.42 4.65 29.27
C PHE A 471 -2.89 6.05 28.94
N SER A 472 -2.90 6.38 27.65
CA SER A 472 -3.33 7.65 27.14
C SER A 472 -4.83 7.61 26.77
N PRO A 473 -5.69 8.17 27.61
CA PRO A 473 -7.09 7.93 27.34
C PRO A 473 -7.57 8.82 26.22
N SER A 474 -8.78 8.49 25.71
CA SER A 474 -9.42 9.34 24.74
C SER A 474 -9.95 10.62 25.37
N ILE A 475 -10.31 11.58 24.53
CA ILE A 475 -10.84 12.84 25.03
C ILE A 475 -12.15 12.59 25.79
N THR A 476 -13.09 11.80 25.26
CA THR A 476 -14.30 11.57 26.06
C THR A 476 -14.04 10.76 27.35
N ALA A 477 -13.02 9.86 27.39
CA ALA A 477 -12.64 9.20 28.62
C ALA A 477 -12.17 10.22 29.65
N LEU A 478 -11.32 11.15 29.23
CA LEU A 478 -10.84 12.18 30.16
C LEU A 478 -12.04 13.00 30.72
N LYS A 479 -12.98 13.36 29.87
CA LYS A 479 -14.11 14.18 30.31
C LYS A 479 -15.01 13.45 31.27
N THR A 480 -15.18 12.16 31.07
CA THR A 480 -16.13 11.40 31.87
C THR A 480 -15.59 10.67 33.06
N LYS A 481 -14.33 10.24 33.01
CA LYS A 481 -13.75 9.47 34.10
C LYS A 481 -12.68 10.21 34.90
N PHE A 482 -12.07 11.20 34.28
CA PHE A 482 -10.93 11.90 34.88
C PHE A 482 -11.26 13.34 35.33
N ALA A 483 -12.48 13.83 35.08
CA ALA A 483 -12.82 15.25 35.25
C ALA A 483 -14.17 15.37 35.93
N ILE A 484 -14.41 16.50 36.58
CA ILE A 484 -15.77 16.80 37.13
C ILE A 484 -16.23 18.16 36.66
N PRO B 1 -7.15 8.44 -46.23
CA PRO B 1 -7.00 9.87 -45.82
C PRO B 1 -6.22 10.06 -44.51
N PRO B 2 -5.63 11.28 -44.29
CA PRO B 2 -5.05 11.49 -42.95
C PRO B 2 -6.21 11.62 -41.94
N LEU B 3 -5.94 11.18 -40.74
CA LEU B 3 -6.95 11.33 -39.70
C LEU B 3 -6.90 12.75 -39.15
N ASP B 4 -8.07 13.27 -38.89
CA ASP B 4 -8.13 14.56 -38.17
C ASP B 4 -7.94 14.36 -36.68
N LEU B 5 -6.72 14.50 -36.18
CA LEU B 5 -6.46 14.20 -34.75
C LEU B 5 -6.96 15.30 -33.84
N ASN B 6 -7.21 16.48 -34.39
CA ASN B 6 -7.89 17.52 -33.66
C ASN B 6 -9.33 17.24 -33.40
N ASN B 7 -9.93 16.28 -34.10
CA ASN B 7 -11.31 15.99 -33.96
C ASN B 7 -11.61 14.75 -33.13
N ILE B 8 -10.57 14.08 -32.68
CA ILE B 8 -10.78 12.78 -32.03
C ILE B 8 -10.44 12.90 -30.58
N GLN B 9 -11.31 12.38 -29.70
CA GLN B 9 -11.00 12.43 -28.27
C GLN B 9 -9.76 11.65 -27.91
N GLY B 10 -8.88 12.23 -27.12
CA GLY B 10 -7.53 11.79 -26.93
C GLY B 10 -7.35 10.53 -26.15
N ASP B 11 -8.38 10.05 -25.46
CA ASP B 11 -8.19 8.77 -24.79
C ASP B 11 -8.22 7.62 -25.79
N ILE B 12 -8.79 7.84 -26.97
CA ILE B 12 -8.99 6.78 -27.99
C ILE B 12 -7.66 6.50 -28.68
N LEU B 13 -7.08 7.52 -29.34
CA LEU B 13 -5.74 7.40 -29.97
C LEU B 13 -4.78 8.24 -29.16
N GLY B 14 -3.85 7.57 -28.50
CA GLY B 14 -2.93 8.13 -27.59
C GLY B 14 -3.11 7.65 -26.19
N GLY B 15 -4.25 8.03 -25.62
CA GLY B 15 -4.54 7.67 -24.24
C GLY B 15 -4.20 8.78 -23.28
N LEU B 16 -5.16 9.13 -22.41
CA LEU B 16 -4.89 10.20 -21.43
C LEU B 16 -3.83 9.74 -20.46
N PRO B 17 -2.72 10.49 -20.32
CA PRO B 17 -1.74 10.06 -19.31
C PRO B 17 -2.24 10.25 -17.90
N LYS B 18 -1.84 9.38 -16.98
CA LYS B 18 -2.43 9.36 -15.66
C LYS B 18 -1.72 8.63 -14.61
N ARG B 19 -1.78 9.17 -13.41
CA ARG B 19 -1.54 8.39 -12.14
C ARG B 19 -2.88 8.19 -11.42
N THR B 20 -3.90 9.02 -11.75
CA THR B 20 -5.16 8.90 -11.08
C THR B 20 -6.21 9.36 -12.09
N GLU B 21 -7.42 8.86 -11.91
CA GLU B 21 -8.46 9.15 -12.86
C GLU B 21 -9.82 8.98 -12.18
N THR B 22 -10.77 9.88 -12.40
CA THR B 22 -12.08 9.77 -11.86
C THR B 22 -13.07 9.74 -13.00
N TYR B 23 -13.96 8.74 -12.92
CA TYR B 23 -15.09 8.60 -13.84
C TYR B 23 -16.37 9.11 -13.15
N PHE B 24 -17.05 10.04 -13.76
CA PHE B 24 -18.24 10.66 -13.18
C PHE B 24 -19.43 10.27 -14.05
N PHE B 25 -20.27 9.39 -13.58
CA PHE B 25 -21.42 8.85 -14.33
C PHE B 25 -22.62 9.71 -14.03
N PHE B 26 -23.31 10.17 -15.06
CA PHE B 26 -24.38 11.11 -14.86
C PHE B 26 -25.65 10.77 -15.65
N ASP B 27 -26.75 11.42 -15.24
CA ASP B 27 -27.97 11.57 -16.01
C ASP B 27 -28.19 13.00 -16.36
N VAL B 28 -28.73 13.20 -17.54
CA VAL B 28 -29.21 14.52 -17.97
C VAL B 28 -30.57 14.81 -17.36
N THR B 29 -30.68 15.94 -16.67
CA THR B 29 -31.92 16.32 -16.00
C THR B 29 -32.59 17.48 -16.64
N ASN B 30 -31.90 18.26 -17.39
CA ASN B 30 -32.49 19.39 -18.11
C ASN B 30 -31.85 19.41 -19.51
N VAL B 31 -32.59 18.89 -20.53
CA VAL B 31 -32.02 18.68 -21.88
C VAL B 31 -31.41 19.94 -22.51
N ASP B 32 -32.25 20.98 -22.63
CA ASP B 32 -31.78 22.18 -23.27
C ASP B 32 -30.72 22.87 -22.51
N GLN B 33 -30.75 22.85 -21.18
CA GLN B 33 -29.69 23.52 -20.42
C GLN B 33 -28.38 22.71 -20.58
N PHE B 34 -28.51 21.40 -20.62
CA PHE B 34 -27.37 20.53 -20.84
C PHE B 34 -26.65 20.88 -22.13
N LYS B 35 -27.44 21.05 -23.18
CA LYS B 35 -26.85 21.34 -24.49
C LYS B 35 -26.20 22.69 -24.51
N ALA B 36 -26.78 23.66 -23.81
CA ALA B 36 -26.14 24.97 -23.66
C ALA B 36 -24.91 24.90 -22.85
N ASN B 37 -24.93 24.14 -21.75
CA ASN B 37 -23.75 23.97 -20.90
C ASN B 37 -22.62 23.23 -21.67
N MET B 38 -22.99 22.33 -22.54
CA MET B 38 -21.98 21.55 -23.31
C MET B 38 -21.14 22.50 -24.14
N ALA B 39 -21.70 23.63 -24.60
CA ALA B 39 -20.83 24.56 -25.31
C ALA B 39 -19.66 25.09 -24.53
N HIS B 40 -19.81 25.24 -23.24
CA HIS B 40 -18.77 25.62 -22.36
C HIS B 40 -17.90 24.43 -21.97
N PHE B 41 -18.46 23.23 -22.03
CA PHE B 41 -17.66 22.07 -21.63
C PHE B 41 -16.66 21.64 -22.73
N ILE B 42 -17.10 21.68 -23.96
CA ILE B 42 -16.38 21.09 -25.10
C ILE B 42 -14.93 21.58 -25.21
N PRO B 43 -14.66 22.86 -24.94
CA PRO B 43 -13.25 23.29 -24.96
C PRO B 43 -12.29 22.65 -23.99
N HIS B 44 -12.82 22.03 -22.96
CA HIS B 44 -12.03 21.38 -21.98
C HIS B 44 -11.59 20.01 -22.47
N ILE B 45 -12.20 19.48 -23.53
CA ILE B 45 -11.96 18.09 -23.96
C ILE B 45 -10.60 17.92 -24.61
N LYS B 46 -9.82 16.94 -24.16
CA LYS B 46 -8.47 16.67 -24.72
C LYS B 46 -8.63 15.87 -26.01
N THR B 47 -8.01 16.34 -27.10
CA THR B 47 -8.05 15.61 -28.35
C THR B 47 -6.74 14.81 -28.55
N SER B 48 -6.74 13.94 -29.53
CA SER B 48 -5.53 13.18 -29.87
C SER B 48 -4.39 14.14 -30.29
N ALA B 49 -4.75 15.22 -31.00
CA ALA B 49 -3.74 16.28 -31.31
C ALA B 49 -3.17 16.91 -30.07
N GLY B 50 -4.03 17.16 -29.04
CA GLY B 50 -3.57 17.78 -27.80
C GLY B 50 -2.62 16.93 -27.00
N ILE B 51 -2.86 15.63 -27.08
CA ILE B 51 -1.98 14.68 -26.38
C ILE B 51 -0.55 14.81 -26.95
N ILE B 52 -0.50 14.85 -28.26
CA ILE B 52 0.82 15.00 -28.98
C ILE B 52 1.50 16.32 -28.71
N LYS B 53 0.71 17.40 -28.76
CA LYS B 53 1.21 18.75 -28.49
C LYS B 53 1.71 18.93 -27.08
N ASP B 54 1.01 18.37 -26.06
CA ASP B 54 1.49 18.47 -24.69
C ASP B 54 2.83 17.73 -24.46
N ARG B 55 2.96 16.56 -25.08
CA ARG B 55 4.22 15.78 -25.03
C ARG B 55 5.38 16.60 -25.64
N GLU B 56 5.12 17.20 -26.78
CA GLU B 56 6.11 18.03 -27.48
C GLU B 56 6.45 19.31 -26.68
N ALA B 57 5.47 19.94 -26.04
CA ALA B 57 5.72 21.09 -25.15
C ALA B 57 6.61 20.73 -23.94
N ILE B 58 6.33 19.61 -23.30
CA ILE B 58 7.15 19.09 -22.21
C ILE B 58 8.60 18.94 -22.69
N LYS B 59 8.77 18.26 -23.84
CA LYS B 59 10.13 18.01 -24.40
C LYS B 59 10.82 19.33 -24.68
N GLU B 60 10.08 20.32 -25.16
CA GLU B 60 10.63 21.63 -25.50
C GLU B 60 10.70 22.46 -24.21
N HIS B 61 10.60 21.96 -23.21
CA HIS B 61 11.10 22.37 -21.87
C HIS B 61 12.10 21.27 -21.25
N LYS B 62 11.69 20.03 -20.93
CA LYS B 62 12.46 18.90 -20.35
C LYS B 62 13.53 18.34 -21.30
N ARG B 63 13.64 18.95 -22.49
CA ARG B 63 14.93 19.11 -23.18
C ARG B 63 15.36 20.60 -23.05
N GLN B 64 15.41 21.04 -21.80
CA GLN B 64 16.25 22.14 -21.28
C GLN B 64 16.81 21.91 -19.84
N LYS B 65 16.39 20.83 -19.16
CA LYS B 65 16.80 20.49 -17.78
C LYS B 65 16.37 21.47 -16.65
N LYS B 66 15.21 22.13 -16.81
CA LYS B 66 14.72 23.17 -15.87
C LYS B 66 13.72 22.62 -14.83
N PRO B 67 12.96 23.52 -14.17
CA PRO B 67 11.56 23.26 -13.83
C PRO B 67 10.61 23.53 -15.03
N GLY B 68 9.70 22.59 -15.29
CA GLY B 68 8.82 22.63 -16.47
C GLY B 68 7.62 23.55 -16.30
N LEU B 69 6.41 23.01 -16.56
CA LEU B 69 5.13 23.73 -16.35
C LEU B 69 4.25 22.94 -15.37
N VAL B 70 3.07 23.49 -15.05
CA VAL B 70 2.08 22.83 -14.16
C VAL B 70 0.99 22.19 -15.03
N PRO B 71 0.75 21.78 -15.22
CA PRO B 71 0.03 20.71 -15.99
C PRO B 71 -1.40 20.30 -15.48
N MET B 72 -2.39 20.69 -16.26
CA MET B 72 -3.79 20.42 -16.04
C MET B 72 -4.27 18.97 -16.31
N ALA B 73 -5.23 18.52 -15.54
CA ALA B 73 -5.79 17.19 -15.80
C ALA B 73 -6.57 17.25 -17.10
N ALA B 74 -6.73 16.10 -17.77
CA ALA B 74 -7.36 15.99 -19.06
C ALA B 74 -8.73 15.36 -18.96
N VAL B 75 -9.60 15.76 -19.87
CA VAL B 75 -11.03 15.42 -19.82
C VAL B 75 -11.52 14.81 -21.09
N ASN B 76 -12.31 13.73 -20.99
CA ASN B 76 -13.06 13.15 -22.12
C ASN B 76 -14.52 12.86 -21.70
N VAL B 77 -15.39 12.59 -22.67
CA VAL B 77 -16.78 12.38 -22.40
C VAL B 77 -17.34 11.34 -23.32
N SER B 78 -18.32 10.60 -22.84
CA SER B 78 -18.92 9.50 -23.65
C SER B 78 -20.40 9.34 -23.26
N PHE B 79 -21.25 8.91 -24.19
CA PHE B 79 -22.69 8.87 -24.01
C PHE B 79 -23.26 7.49 -24.25
N SER B 80 -24.17 7.06 -23.39
CA SER B 80 -24.83 5.73 -23.57
C SER B 80 -25.97 5.86 -24.54
N HIS B 81 -26.49 4.71 -24.98
CA HIS B 81 -27.75 4.73 -25.73
C HIS B 81 -28.90 5.44 -25.01
N LEU B 82 -29.09 5.16 -23.72
CA LEU B 82 -30.12 5.82 -22.96
C LEU B 82 -29.86 7.35 -22.95
N GLY B 83 -28.62 7.79 -22.90
CA GLY B 83 -28.29 9.22 -23.03
C GLY B 83 -28.65 9.82 -24.37
N LEU B 84 -28.32 9.11 -25.42
CA LEU B 84 -28.62 9.59 -26.79
C LEU B 84 -30.17 9.73 -26.84
N GLN B 85 -30.91 8.72 -26.38
CA GLN B 85 -32.43 8.83 -26.37
C GLN B 85 -32.90 10.03 -25.56
N LYS B 86 -32.31 10.26 -24.38
CA LYS B 86 -32.74 11.39 -23.58
C LYS B 86 -32.52 12.68 -24.33
N LEU B 87 -31.46 12.77 -25.12
CA LEU B 87 -31.10 13.99 -25.86
C LEU B 87 -31.81 14.10 -27.18
N GLY B 88 -32.61 13.12 -27.55
CA GLY B 88 -33.35 13.16 -28.81
C GLY B 88 -32.46 12.84 -29.99
N ILE B 89 -31.35 12.12 -29.76
CA ILE B 89 -30.43 11.72 -30.79
C ILE B 89 -30.81 10.27 -31.09
N THR B 90 -31.45 10.05 -32.24
CA THR B 90 -32.21 8.81 -32.38
C THR B 90 -31.57 7.91 -33.42
N ASP B 91 -30.44 8.32 -33.99
CA ASP B 91 -29.81 7.55 -35.11
C ASP B 91 -29.26 6.20 -34.58
N ASP B 92 -29.42 5.17 -35.38
CA ASP B 92 -28.98 3.84 -35.05
C ASP B 92 -27.49 3.81 -35.30
N LEU B 93 -26.68 3.38 -34.32
CA LEU B 93 -25.22 3.32 -34.51
C LEU B 93 -24.76 1.91 -34.93
N SER B 94 -25.74 1.01 -35.12
CA SER B 94 -25.50 -0.31 -35.66
C SER B 94 -24.55 -1.09 -34.72
N ASP B 95 -24.87 -1.02 -33.43
CA ASP B 95 -24.23 -1.91 -32.44
C ASP B 95 -25.26 -2.40 -31.50
N ASN B 96 -25.49 -3.73 -31.55
CA ASN B 96 -26.47 -4.32 -30.77
C ASN B 96 -26.27 -4.19 -29.24
N ALA B 97 -25.04 -4.47 -28.83
CA ALA B 97 -24.67 -4.40 -27.42
C ALA B 97 -24.92 -2.98 -26.90
N PHE B 98 -24.43 -2.02 -27.64
CA PHE B 98 -24.58 -0.57 -27.27
C PHE B 98 -26.05 -0.22 -27.07
N THR B 99 -26.88 -0.60 -28.04
CA THR B 99 -28.28 -0.32 -27.93
C THR B 99 -29.02 -1.06 -26.82
N THR B 100 -28.71 -2.34 -26.60
CA THR B 100 -29.22 -3.11 -25.51
C THR B 100 -28.85 -2.55 -24.17
N GLY B 101 -27.65 -2.00 -24.12
CA GLY B 101 -27.11 -1.53 -22.82
C GLY B 101 -26.47 -2.66 -22.04
N GLN B 102 -25.49 -2.31 -21.18
CA GLN B 102 -24.76 -3.39 -20.49
C GLN B 102 -25.53 -4.06 -19.40
N ARG B 103 -26.47 -3.36 -18.76
CA ARG B 103 -27.28 -4.01 -17.75
C ARG B 103 -28.00 -5.21 -18.30
N LYS B 104 -28.61 -5.03 -19.48
CA LYS B 104 -29.31 -6.17 -20.09
C LYS B 104 -28.31 -7.14 -20.73
N ASP B 105 -27.21 -6.65 -21.24
CA ASP B 105 -26.21 -7.56 -21.91
C ASP B 105 -25.46 -8.42 -20.90
N ALA B 106 -25.47 -7.95 -19.63
CA ALA B 106 -24.68 -8.61 -18.55
C ALA B 106 -25.04 -10.11 -18.39
N GLU B 107 -26.29 -10.51 -18.62
CA GLU B 107 -26.65 -11.90 -18.46
C GLU B 107 -25.82 -12.75 -19.43
N ILE B 108 -25.86 -12.39 -20.70
CA ILE B 108 -25.07 -13.14 -21.71
C ILE B 108 -23.51 -12.98 -21.52
N LEU B 109 -23.04 -11.85 -21.00
CA LEU B 109 -21.62 -11.76 -20.66
C LEU B 109 -21.19 -12.72 -19.57
N GLY B 110 -22.16 -13.24 -18.83
CA GLY B 110 -21.96 -14.22 -17.72
C GLY B 110 -21.87 -13.62 -16.34
N ASP B 111 -22.28 -12.35 -16.15
CA ASP B 111 -22.13 -11.74 -14.84
C ASP B 111 -22.95 -12.51 -13.81
N PRO B 112 -22.50 -12.58 -12.56
CA PRO B 112 -23.37 -13.12 -11.48
C PRO B 112 -24.64 -12.29 -11.38
N GLY B 113 -25.76 -12.95 -11.04
CA GLY B 113 -27.00 -12.17 -10.82
C GLY B 113 -28.08 -13.14 -10.40
N SER B 114 -29.28 -12.62 -10.40
CA SER B 114 -30.46 -13.31 -9.85
C SER B 114 -31.54 -13.22 -10.87
N LYS B 115 -32.45 -14.21 -10.89
CA LYS B 115 -33.70 -14.10 -11.66
C LYS B 115 -34.90 -13.93 -10.68
N ASN B 116 -35.77 -12.94 -10.93
CA ASN B 116 -37.08 -12.83 -10.23
C ASN B 116 -38.16 -13.13 -11.27
N GLY B 117 -38.73 -14.34 -11.17
CA GLY B 117 -39.46 -14.95 -12.28
C GLY B 117 -38.43 -15.44 -13.28
N ASP B 118 -38.51 -14.91 -14.51
CA ASP B 118 -37.52 -15.16 -15.59
C ASP B 118 -36.69 -13.89 -15.94
N ALA B 119 -36.82 -12.79 -15.18
CA ALA B 119 -36.10 -11.51 -15.45
C ALA B 119 -34.75 -11.48 -14.67
N PHE B 120 -33.64 -11.28 -15.36
CA PHE B 120 -32.32 -11.39 -14.75
C PHE B 120 -31.89 -10.01 -14.30
N THR B 121 -31.31 -9.92 -13.09
CA THR B 121 -30.75 -8.66 -12.65
C THR B 121 -29.29 -8.98 -12.28
N PRO B 122 -28.31 -8.23 -12.85
CA PRO B 122 -26.93 -8.56 -12.46
C PRO B 122 -26.64 -8.09 -11.05
N ALA B 123 -25.72 -8.78 -10.37
CA ALA B 123 -25.37 -8.52 -9.02
C ALA B 123 -24.39 -7.37 -9.00
N TRP B 124 -24.90 -6.21 -9.33
CA TRP B 124 -24.07 -5.01 -9.45
C TRP B 124 -24.31 -4.06 -8.30
N GLU B 125 -23.35 -3.17 -8.08
CA GLU B 125 -23.63 -2.03 -7.20
C GLU B 125 -24.84 -1.24 -7.67
N ALA B 126 -25.63 -0.77 -6.70
CA ALA B 126 -26.90 -0.05 -7.00
C ALA B 126 -26.89 0.97 -8.07
N PRO B 127 -25.88 1.86 -8.05
CA PRO B 127 -25.92 2.91 -9.07
C PRO B 127 -25.86 2.40 -10.50
N PHE B 128 -25.12 1.30 -10.73
CA PHE B 128 -24.97 0.80 -12.05
C PHE B 128 -26.18 0.08 -12.51
N LEU B 129 -27.16 -0.10 -11.61
CA LEU B 129 -28.47 -0.68 -12.04
C LEU B 129 -29.48 0.37 -12.49
N LYS B 130 -29.13 1.64 -12.28
CA LYS B 130 -29.94 2.80 -12.72
C LYS B 130 -29.54 3.18 -14.13
N ASP B 131 -30.35 3.98 -14.80
CA ASP B 131 -30.02 4.44 -16.14
C ASP B 131 -28.91 5.48 -16.00
N ILE B 132 -27.81 5.29 -16.72
CA ILE B 132 -26.73 6.22 -16.86
C ILE B 132 -26.77 6.76 -18.27
N HIS B 133 -26.76 8.08 -18.40
CA HIS B 133 -26.75 8.71 -19.71
C HIS B 133 -25.38 9.00 -20.29
N GLY B 134 -24.37 9.15 -19.43
CA GLY B 134 -23.05 9.49 -19.93
C GLY B 134 -22.03 9.37 -18.84
N VAL B 135 -20.80 9.54 -19.26
CA VAL B 135 -19.67 9.61 -18.29
C VAL B 135 -18.72 10.73 -18.71
N ILE B 136 -18.26 11.50 -17.73
CA ILE B 136 -17.23 12.49 -17.91
C ILE B 136 -16.08 11.92 -17.08
N PHE B 137 -14.90 11.87 -17.71
CA PHE B 137 -13.73 11.34 -17.01
C PHE B 137 -12.53 12.21 -17.10
N VAL B 138 -11.82 12.29 -15.99
CA VAL B 138 -10.76 13.28 -15.76
C VAL B 138 -9.55 12.50 -15.25
N ALA B 139 -8.43 12.70 -15.93
CA ALA B 139 -7.20 11.96 -15.73
C ALA B 139 -6.05 12.91 -15.48
N GLY B 140 -5.29 12.64 -14.46
CA GLY B 140 -4.15 13.47 -14.19
C GLY B 140 -3.14 12.84 -13.33
N ASP B 141 -2.21 13.69 -12.89
CA ASP B 141 -1.11 13.23 -12.06
C ASP B 141 -1.27 13.20 -10.62
N CSO B 142 -2.30 13.81 -10.05
CA CSO B 142 -2.51 13.79 -8.64
CB CSO B 142 -1.58 14.73 -7.79
SG CSO B 142 -1.95 16.41 -8.19
C CSO B 142 -3.96 14.04 -8.38
O CSO B 142 -4.66 14.56 -9.28
OD CSO B 142 -0.97 16.84 -9.60
N HIS B 143 -4.41 13.68 -7.18
CA HIS B 143 -5.81 13.92 -6.78
C HIS B 143 -6.20 15.38 -6.92
N GLY B 144 -5.30 16.26 -6.48
CA GLY B 144 -5.58 17.70 -6.56
C GLY B 144 -5.88 18.25 -7.95
N SER B 145 -5.17 17.77 -8.95
CA SER B 145 -5.27 18.26 -10.28
C SER B 145 -6.62 17.77 -10.87
N VAL B 146 -6.93 16.52 -10.63
CA VAL B 146 -8.21 15.94 -11.11
C VAL B 146 -9.36 16.66 -10.42
N ASN B 147 -9.24 16.87 -9.13
CA ASN B 147 -10.37 17.45 -8.34
C ASN B 147 -10.61 18.87 -8.80
N LYS B 148 -9.54 19.61 -9.04
CA LYS B 148 -9.68 20.97 -9.55
C LYS B 148 -10.48 21.02 -10.87
N LYS B 149 -10.13 20.15 -11.79
CA LYS B 149 -10.76 20.06 -13.04
C LYS B 149 -12.18 19.54 -12.94
N LEU B 150 -12.40 18.51 -12.15
CA LEU B 150 -13.80 18.03 -11.94
C LEU B 150 -14.69 19.10 -11.35
N ASP B 151 -14.14 19.89 -10.46
CA ASP B 151 -14.91 20.99 -9.86
C ASP B 151 -15.35 22.00 -10.88
N GLU B 152 -14.43 22.37 -11.78
CA GLU B 152 -14.68 23.29 -12.85
C GLU B 152 -15.82 22.72 -13.74
N ILE B 153 -15.78 21.42 -14.02
CA ILE B 153 -16.76 20.79 -14.85
C ILE B 153 -18.14 20.76 -14.18
N LYS B 154 -18.14 20.37 -12.92
CA LYS B 154 -19.36 20.40 -12.12
C LYS B 154 -19.99 21.77 -12.16
N HIS B 155 -19.16 22.81 -12.03
CA HIS B 155 -19.71 24.17 -12.09
C HIS B 155 -20.39 24.48 -13.43
N ILE B 156 -19.82 24.08 -14.56
CA ILE B 156 -20.37 24.32 -15.89
C ILE B 156 -21.80 23.76 -15.99
N PHE B 157 -22.00 22.60 -15.37
CA PHE B 157 -23.34 21.90 -15.39
C PHE B 157 -24.23 22.23 -14.21
N GLY B 158 -23.78 23.08 -13.33
CA GLY B 158 -24.61 23.42 -12.15
C GLY B 158 -24.77 22.32 -11.11
N VAL B 159 -23.84 21.35 -11.10
CA VAL B 159 -24.04 20.22 -10.25
C VAL B 159 -24.16 20.59 -8.76
N GLY B 160 -25.12 19.92 -8.12
CA GLY B 160 -25.41 20.06 -6.69
C GLY B 160 -26.26 21.30 -6.35
N THR B 161 -26.74 21.97 -7.42
CA THR B 161 -27.59 23.18 -7.30
C THR B 161 -28.91 22.94 -7.91
N SER B 162 -29.89 23.85 -7.61
CA SER B 162 -31.19 23.69 -8.15
C SER B 162 -31.30 24.12 -9.63
N HIS B 163 -30.18 24.54 -10.25
CA HIS B 163 -30.13 24.84 -11.65
C HIS B 163 -29.15 23.87 -12.37
N ALA B 164 -29.06 22.66 -11.89
CA ALA B 164 -28.17 21.67 -12.51
C ALA B 164 -28.80 21.16 -13.79
N SER B 165 -27.96 20.75 -14.74
CA SER B 165 -28.48 20.09 -15.93
C SER B 165 -28.19 18.61 -15.97
N ILE B 166 -27.33 18.17 -15.07
CA ILE B 166 -27.04 16.78 -14.84
C ILE B 166 -27.07 16.43 -13.37
N SER B 167 -27.23 15.14 -13.12
CA SER B 167 -27.24 14.61 -11.78
C SER B 167 -26.22 13.48 -11.71
N GLU B 168 -25.49 13.41 -10.60
CA GLU B 168 -24.54 12.31 -10.46
C GLU B 168 -25.24 10.98 -10.17
N VAL B 169 -24.91 9.94 -10.93
CA VAL B 169 -25.36 8.60 -10.61
C VAL B 169 -24.35 8.03 -9.66
N THR B 170 -23.07 8.08 -10.05
CA THR B 170 -21.97 7.68 -9.13
C THR B 170 -20.69 8.16 -9.67
N HIS B 171 -19.62 7.99 -8.88
CA HIS B 171 -18.30 8.27 -9.41
C HIS B 171 -17.35 7.18 -8.90
N VAL B 172 -16.31 6.91 -9.70
CA VAL B 172 -15.32 5.92 -9.22
C VAL B 172 -13.95 6.49 -9.53
N ARG B 173 -13.01 6.37 -8.61
CA ARG B 173 -11.64 6.83 -8.77
C ARG B 173 -10.67 5.66 -8.90
N GLY B 174 -9.82 5.77 -9.88
CA GLY B 174 -8.70 4.86 -10.08
C GLY B 174 -7.41 5.49 -9.67
N ASP B 175 -6.47 4.66 -9.34
CA ASP B 175 -5.12 5.14 -8.92
C ASP B 175 -4.15 4.05 -9.30
N VAL B 176 -3.04 4.46 -9.91
CA VAL B 176 -2.01 3.51 -10.13
C VAL B 176 -1.46 2.99 -8.82
N ARG B 177 -0.84 1.79 -8.87
CA ARG B 177 -0.36 1.17 -7.68
C ARG B 177 0.99 1.83 -7.18
N PRO B 178 1.32 1.59 -5.93
CA PRO B 178 2.49 2.26 -5.36
C PRO B 178 3.82 1.67 -5.82
N GLY B 179 4.85 2.53 -5.79
CA GLY B 179 6.21 2.04 -6.05
C GLY B 179 6.41 1.45 -7.43
N ASP B 180 7.25 0.42 -7.51
CA ASP B 180 7.67 -0.05 -8.79
C ASP B 180 6.65 -1.01 -9.43
N VAL B 181 5.55 -1.30 -8.75
CA VAL B 181 4.45 -2.08 -9.39
C VAL B 181 3.32 -1.17 -9.88
N HIS B 182 3.61 0.11 -10.08
CA HIS B 182 2.60 1.05 -10.54
C HIS B 182 1.81 0.68 -11.73
N ALA B 183 2.42 0.03 -12.72
CA ALA B 183 1.71 -0.38 -13.92
C ALA B 183 1.24 -1.85 -13.87
N HIS B 184 1.34 -2.50 -12.72
CA HIS B 184 0.85 -3.86 -12.59
C HIS B 184 -0.56 -3.86 -12.08
N GLU B 185 -1.40 -4.69 -12.67
CA GLU B 185 -2.79 -4.83 -12.17
C GLU B 185 -2.68 -5.47 -10.79
N HIS B 186 -3.76 -5.48 -10.02
CA HIS B 186 -3.74 -5.98 -8.65
C HIS B 186 -3.35 -7.45 -8.38
N PHE B 187 -3.48 -8.35 -9.39
CA PHE B 187 -2.97 -9.70 -9.19
C PHE B 187 -1.45 -9.70 -9.30
N GLY B 188 -0.84 -8.62 -9.80
CA GLY B 188 0.64 -8.55 -9.79
C GLY B 188 1.25 -8.47 -11.16
N TYR B 189 0.47 -8.51 -12.25
CA TYR B 189 1.02 -8.70 -13.62
C TYR B 189 1.10 -7.35 -14.29
N LEU B 190 2.22 -7.07 -14.93
CA LEU B 190 2.34 -5.88 -15.76
C LEU B 190 1.23 -5.85 -16.84
N ASP B 191 0.57 -4.69 -16.93
CA ASP B 191 -0.61 -4.50 -17.75
C ASP B 191 -0.36 -3.37 -18.73
N GLY B 192 -1.07 -3.36 -19.88
CA GLY B 192 -0.85 -2.32 -20.90
C GLY B 192 0.24 -2.50 -21.90
N ILE B 193 0.57 -3.74 -22.17
CA ILE B 193 1.70 -4.11 -23.02
C ILE B 193 1.30 -4.16 -24.47
N SER B 194 0.23 -4.87 -24.84
CA SER B 194 -0.15 -5.16 -26.19
C SER B 194 -1.41 -4.50 -26.60
N HIS B 195 -1.32 -3.60 -27.57
CA HIS B 195 -2.46 -2.94 -28.18
C HIS B 195 -2.24 -2.96 -29.70
N PRO B 196 -3.30 -2.92 -30.45
CA PRO B 196 -3.15 -2.82 -31.91
C PRO B 196 -2.53 -1.49 -32.26
N ALA B 197 -1.64 -1.55 -33.25
CA ALA B 197 -1.24 -0.26 -33.85
C ALA B 197 -2.32 0.17 -34.83
N VAL B 198 -2.53 1.49 -35.00
CA VAL B 198 -3.53 2.01 -35.83
C VAL B 198 -2.88 2.79 -37.02
N GLU B 199 -3.23 2.34 -38.21
CA GLU B 199 -2.68 2.93 -39.44
C GLU B 199 -3.14 4.38 -39.42
N GLN B 200 -2.21 5.24 -39.87
CA GLN B 200 -2.45 6.70 -39.95
C GLN B 200 -2.37 7.37 -38.60
N PHE B 201 -1.92 6.64 -37.57
CA PHE B 201 -1.71 7.16 -36.26
C PHE B 201 -0.39 6.66 -35.72
N ASP B 202 -0.21 5.34 -35.62
CA ASP B 202 0.97 4.80 -35.03
C ASP B 202 1.94 4.61 -36.23
N GLN B 203 2.87 5.54 -36.36
CA GLN B 203 3.77 5.58 -37.52
C GLN B 203 4.91 4.57 -37.37
N ASN B 204 5.30 4.22 -36.16
CA ASN B 204 6.38 3.25 -35.88
C ASN B 204 5.89 2.05 -35.02
N PRO B 205 5.14 1.15 -35.63
CA PRO B 205 4.69 -0.01 -34.81
C PRO B 205 5.82 -0.80 -34.25
N LEU B 206 5.61 -1.35 -33.07
CA LEU B 206 6.59 -2.18 -32.38
C LEU B 206 6.64 -3.56 -32.98
N PRO B 207 7.73 -4.30 -32.73
CA PRO B 207 7.74 -5.70 -33.24
C PRO B 207 6.63 -6.56 -32.66
N GLY B 208 5.93 -7.30 -33.51
CA GLY B 208 4.80 -8.13 -33.12
C GLY B 208 3.49 -7.36 -33.07
N GLN B 209 3.55 -6.03 -33.21
CA GLN B 209 2.38 -5.20 -33.13
C GLN B 209 1.92 -4.97 -34.52
N ASP B 210 0.91 -5.73 -34.95
CA ASP B 210 0.34 -5.52 -36.29
C ASP B 210 -0.53 -4.25 -36.38
N PRO B 211 -0.42 -3.50 -37.49
CA PRO B 211 -1.28 -2.33 -37.72
C PRO B 211 -2.59 -2.71 -38.27
N ILE B 212 -3.63 -2.02 -37.85
CA ILE B 212 -4.95 -2.28 -38.35
C ILE B 212 -5.52 -1.00 -38.91
N ARG B 213 -6.47 -1.09 -39.81
CA ARG B 213 -7.06 0.15 -40.43
C ARG B 213 -7.82 0.92 -39.34
N PRO B 214 -7.88 2.24 -39.48
CA PRO B 214 -8.44 3.05 -38.37
C PRO B 214 -9.91 2.85 -38.13
N GLY B 215 -10.65 2.35 -39.09
CA GLY B 215 -12.04 2.04 -38.99
C GLY B 215 -12.42 0.89 -38.06
N PHE B 216 -11.41 0.16 -37.62
CA PHE B 216 -11.62 -0.89 -36.58
C PHE B 216 -11.70 -0.27 -35.18
N ILE B 217 -11.31 0.98 -35.08
CA ILE B 217 -11.34 1.73 -33.78
C ILE B 217 -12.29 2.93 -33.85
N LEU B 218 -12.28 3.62 -35.00
CA LEU B 218 -13.03 4.87 -35.20
C LEU B 218 -14.10 4.63 -36.19
N ALA B 219 -15.33 4.99 -35.87
CA ALA B 219 -16.43 4.82 -36.75
C ALA B 219 -16.25 5.68 -38.04
N LYS B 220 -16.63 5.01 -39.14
CA LYS B 220 -16.62 5.59 -40.50
C LYS B 220 -15.26 6.03 -40.99
N GLU B 221 -14.19 5.35 -40.60
CA GLU B 221 -12.92 5.48 -41.18
C GLU B 221 -12.69 4.17 -41.94
N ASN B 222 -11.68 4.17 -42.80
CA ASN B 222 -11.39 2.98 -43.63
C ASN B 222 -11.33 1.71 -42.73
N GLY B 223 -12.08 0.67 -43.07
CA GLY B 223 -12.12 -0.58 -42.32
C GLY B 223 -13.34 -0.74 -41.45
N ASP B 224 -14.14 0.31 -41.29
CA ASP B 224 -15.35 0.16 -40.56
C ASP B 224 -16.41 -0.44 -41.48
N SER B 225 -16.72 -1.69 -41.24
CA SER B 225 -17.64 -2.44 -42.10
C SER B 225 -19.06 -1.87 -42.07
N ARG B 226 -19.38 -1.06 -41.04
CA ARG B 226 -20.69 -0.55 -40.85
C ARG B 226 -20.80 0.94 -41.25
N ALA B 227 -19.76 1.45 -41.90
CA ALA B 227 -19.66 2.88 -42.21
C ALA B 227 -20.87 3.38 -42.95
N ALA B 228 -21.32 2.67 -43.98
CA ALA B 228 -22.45 3.20 -44.76
C ALA B 228 -23.75 3.31 -43.98
N ALA B 229 -23.94 2.47 -42.98
CA ALA B 229 -25.11 2.44 -42.22
C ALA B 229 -25.06 3.49 -41.06
N ARG B 230 -23.93 4.08 -40.76
CA ARG B 230 -23.86 4.96 -39.61
C ARG B 230 -24.02 6.42 -40.02
N PRO B 231 -24.50 7.29 -39.10
CA PRO B 231 -24.73 8.68 -39.45
C PRO B 231 -23.45 9.42 -39.54
N ASP B 232 -23.47 10.54 -40.28
CA ASP B 232 -22.25 11.29 -40.46
C ASP B 232 -21.60 11.76 -39.13
N TRP B 233 -22.45 12.14 -38.17
CA TRP B 233 -21.92 12.66 -36.92
C TRP B 233 -21.09 11.58 -36.18
N ALA B 234 -21.32 10.30 -36.48
CA ALA B 234 -20.59 9.20 -35.79
C ALA B 234 -19.20 9.07 -36.26
N LYS B 235 -18.81 9.70 -37.39
CA LYS B 235 -17.43 9.59 -37.80
C LYS B 235 -16.47 10.06 -36.72
N ASP B 236 -15.42 9.26 -36.51
CA ASP B 236 -14.33 9.59 -35.63
C ASP B 236 -14.72 9.50 -34.14
N GLY B 237 -15.83 8.86 -33.89
CA GLY B 237 -16.16 8.47 -32.51
C GLY B 237 -15.79 7.01 -32.35
N SER B 238 -15.81 6.57 -31.11
CA SER B 238 -15.46 5.17 -30.81
C SER B 238 -16.36 4.65 -29.67
N PHE B 239 -16.65 3.36 -29.60
CA PHE B 239 -17.38 2.75 -28.50
C PHE B 239 -16.47 2.50 -27.33
N LEU B 240 -16.82 3.11 -26.19
CA LEU B 240 -16.17 2.95 -24.90
C LEU B 240 -16.94 1.92 -24.03
N THR B 241 -16.33 0.79 -23.73
CA THR B 241 -16.90 -0.20 -22.81
C THR B 241 -16.21 -0.01 -21.44
N PHE B 242 -17.01 0.28 -20.42
CA PHE B 242 -16.58 0.33 -19.04
C PHE B 242 -17.08 -0.87 -18.29
N ARG B 243 -16.16 -1.47 -17.55
CA ARG B 243 -16.46 -2.61 -16.68
C ARG B 243 -15.80 -2.38 -15.33
N TYR B 244 -16.60 -2.45 -14.28
CA TYR B 244 -16.10 -2.21 -12.92
C TYR B 244 -15.74 -3.54 -12.29
N LEU B 245 -14.46 -3.92 -12.45
CA LEU B 245 -14.04 -5.26 -12.20
C LEU B 245 -13.32 -5.38 -10.87
N PHE B 246 -13.96 -5.99 -9.89
CA PHE B 246 -13.32 -6.21 -8.61
C PHE B 246 -12.48 -7.44 -8.70
N GLN B 247 -11.34 -7.39 -8.05
CA GLN B 247 -10.41 -8.48 -8.04
C GLN B 247 -10.27 -9.04 -6.63
N MET B 248 -10.20 -10.40 -6.54
CA MET B 248 -10.13 -11.14 -5.31
C MET B 248 -8.72 -11.65 -5.15
N VAL B 249 -7.84 -10.77 -4.63
CA VAL B 249 -6.41 -10.98 -4.73
C VAL B 249 -5.91 -12.05 -3.75
N PRO B 250 -6.25 -11.95 -2.45
CA PRO B 250 -5.81 -13.07 -1.58
C PRO B 250 -6.30 -14.43 -2.05
N GLU B 251 -7.51 -14.50 -2.59
CA GLU B 251 -8.08 -15.71 -3.15
C GLU B 251 -7.26 -16.27 -4.30
N PHE B 252 -6.87 -15.34 -5.21
CA PHE B 252 -6.04 -15.71 -6.37
C PHE B 252 -4.71 -16.24 -5.83
N ASP B 253 -4.14 -15.49 -4.90
CA ASP B 253 -2.86 -15.93 -4.36
C ASP B 253 -2.96 -17.30 -3.69
N ASP B 254 -4.03 -17.58 -2.97
CA ASP B 254 -4.27 -18.87 -2.26
C ASP B 254 -4.40 -19.99 -3.29
N PHE B 255 -5.15 -19.68 -4.34
CA PHE B 255 -5.26 -20.62 -5.48
C PHE B 255 -3.93 -21.01 -6.04
N LEU B 256 -3.11 -20.03 -6.37
CA LEU B 256 -1.76 -20.36 -6.89
C LEU B 256 -0.92 -21.16 -5.89
N GLU B 257 -0.90 -20.72 -4.66
CA GLU B 257 -0.09 -21.37 -3.65
C GLU B 257 -0.53 -22.82 -3.40
N SER B 258 -1.83 -23.14 -3.58
CA SER B 258 -2.46 -24.42 -3.32
C SER B 258 -2.31 -25.33 -4.55
N ASN B 259 -1.85 -24.78 -5.66
CA ASN B 259 -1.81 -25.56 -6.91
C ASN B 259 -0.51 -25.44 -7.65
N PRO B 260 0.60 -25.56 -6.97
CA PRO B 260 1.85 -25.44 -7.71
C PRO B 260 2.02 -26.51 -8.79
N ILE B 261 2.67 -26.17 -9.87
CA ILE B 261 3.08 -27.19 -10.86
C ILE B 261 4.34 -27.87 -10.28
N VAL B 262 4.25 -29.17 -10.06
CA VAL B 262 5.30 -29.85 -9.31
C VAL B 262 6.18 -30.49 -10.37
N LEU B 263 7.33 -29.91 -10.59
CA LEU B 263 8.23 -30.35 -11.66
C LEU B 263 9.63 -30.48 -11.12
N PRO B 264 10.43 -31.39 -11.72
CA PRO B 264 11.78 -31.51 -11.17
C PRO B 264 12.59 -30.22 -11.19
N GLY B 265 13.23 -29.91 -10.08
CA GLY B 265 14.00 -28.66 -9.92
C GLY B 265 13.22 -27.37 -9.71
N LEU B 266 11.89 -27.44 -9.74
CA LEU B 266 11.04 -26.31 -9.33
C LEU B 266 10.64 -26.48 -7.86
N SER B 267 10.88 -25.48 -7.01
CA SER B 267 10.26 -25.47 -5.69
C SER B 267 8.74 -25.27 -5.81
N ARG B 268 8.05 -25.40 -4.70
CA ARG B 268 6.59 -25.12 -4.68
C ARG B 268 6.36 -23.69 -5.06
N LYS B 269 7.15 -22.79 -4.50
CA LYS B 269 6.94 -21.38 -4.78
C LYS B 269 7.10 -21.11 -6.27
N GLU B 270 8.16 -21.70 -6.89
CA GLU B 270 8.34 -21.58 -8.33
C GLU B 270 7.21 -22.18 -9.15
N GLY B 271 6.68 -23.31 -8.70
CA GLY B 271 5.60 -24.00 -9.35
C GLY B 271 4.35 -23.14 -9.39
N SER B 272 4.12 -22.46 -8.26
CA SER B 272 2.92 -21.61 -8.12
C SER B 272 3.05 -20.39 -9.06
N GLU B 273 4.25 -19.80 -9.09
CA GLU B 273 4.56 -18.67 -9.94
C GLU B 273 4.37 -19.04 -11.41
N LEU B 274 4.87 -20.22 -11.74
CA LEU B 274 4.65 -20.83 -13.11
C LEU B 274 3.20 -20.96 -13.45
N LEU B 275 2.40 -21.44 -12.51
CA LEU B 275 0.99 -21.60 -12.79
C LEU B 275 0.31 -20.25 -13.12
N GLY B 276 0.62 -19.22 -12.32
CA GLY B 276 0.07 -17.90 -12.56
C GLY B 276 0.49 -17.36 -13.93
N ALA B 277 1.78 -17.54 -14.27
CA ALA B 277 2.24 -17.06 -15.57
C ALA B 277 1.51 -17.79 -16.71
N ARG B 278 1.29 -19.10 -16.54
CA ARG B 278 0.62 -19.89 -17.56
C ARG B 278 -0.87 -19.55 -17.68
N ILE B 279 -1.53 -19.11 -16.61
CA ILE B 279 -2.87 -18.69 -16.66
C ILE B 279 -3.05 -17.36 -17.42
N VAL B 280 -2.09 -16.45 -17.25
CA VAL B 280 -2.11 -15.14 -17.86
C VAL B 280 -1.62 -15.17 -19.29
N GLY B 281 -0.52 -15.90 -19.48
CA GLY B 281 0.30 -15.82 -20.75
C GLY B 281 1.57 -15.00 -20.65
N ARG B 282 1.79 -14.38 -19.49
CA ARG B 282 3.03 -13.63 -19.18
C ARG B 282 3.37 -13.84 -17.74
N TRP B 283 4.65 -13.82 -17.40
CA TRP B 283 5.07 -13.67 -16.04
C TRP B 283 4.60 -12.34 -15.48
N LYS B 284 4.62 -12.20 -14.16
CA LYS B 284 4.26 -10.90 -13.53
C LYS B 284 5.08 -9.73 -14.05
N SER B 285 6.35 -10.00 -14.39
CA SER B 285 7.18 -8.98 -15.01
C SER B 285 6.68 -8.40 -16.35
N GLY B 286 5.87 -9.20 -17.09
CA GLY B 286 5.52 -8.91 -18.42
C GLY B 286 6.15 -9.81 -19.46
N ALA B 287 7.17 -10.60 -19.07
CA ALA B 287 7.83 -11.47 -20.05
C ALA B 287 6.78 -12.50 -20.60
N PRO B 288 6.64 -12.62 -21.92
CA PRO B 288 5.69 -13.58 -22.52
C PRO B 288 6.16 -15.00 -22.35
N ILE B 289 5.33 -15.90 -21.85
CA ILE B 289 5.75 -17.31 -21.67
C ILE B 289 6.00 -18.01 -23.03
N GLU B 290 5.42 -17.52 -24.09
CA GLU B 290 5.62 -18.08 -25.45
C GLU B 290 7.13 -17.96 -25.78
N ILE B 291 7.84 -16.93 -25.31
CA ILE B 291 9.26 -16.78 -25.60
C ILE B 291 10.09 -17.39 -24.46
N THR B 292 9.64 -17.25 -23.20
CA THR B 292 10.36 -17.78 -22.02
C THR B 292 9.41 -18.64 -21.18
N PRO B 293 9.23 -19.90 -21.59
CA PRO B 293 8.21 -20.73 -20.96
C PRO B 293 8.52 -21.29 -19.60
N LEU B 294 9.80 -21.44 -19.25
CA LEU B 294 10.22 -22.17 -18.06
C LEU B 294 10.54 -21.29 -16.84
N LYS B 295 10.95 -20.06 -17.10
CA LYS B 295 11.30 -19.07 -16.07
C LYS B 295 11.12 -17.67 -16.61
N ASP B 296 11.05 -16.74 -15.66
CA ASP B 296 10.86 -15.35 -16.02
C ASP B 296 12.14 -14.84 -16.68
N ASP B 297 11.99 -13.77 -17.44
CA ASP B 297 13.13 -12.98 -18.03
C ASP B 297 12.82 -11.45 -17.90
N PRO B 298 13.24 -10.83 -16.78
CA PRO B 298 12.91 -9.40 -16.57
C PRO B 298 13.49 -8.43 -17.61
N LYS B 299 14.65 -8.75 -18.20
CA LYS B 299 15.18 -7.95 -19.30
C LYS B 299 14.28 -7.93 -20.51
N LEU B 300 13.83 -9.13 -20.88
CA LEU B 300 12.86 -9.29 -21.95
C LEU B 300 11.57 -8.52 -21.63
N ALA B 301 11.10 -8.66 -20.39
CA ALA B 301 9.82 -7.98 -20.04
C ALA B 301 9.83 -6.52 -20.26
N ALA B 302 10.94 -5.90 -19.85
CA ALA B 302 11.13 -4.45 -19.95
C ALA B 302 11.45 -3.90 -21.35
N ASP B 303 11.59 -4.75 -22.36
CA ASP B 303 11.98 -4.30 -23.66
C ASP B 303 10.80 -4.33 -24.62
N ALA B 304 10.26 -3.15 -24.89
CA ALA B 304 9.17 -3.04 -25.77
C ALA B 304 9.43 -3.57 -27.20
N GLN B 305 10.71 -3.63 -27.58
CA GLN B 305 11.03 -4.16 -28.88
C GLN B 305 10.98 -5.67 -29.02
N ARG B 306 10.86 -6.39 -27.90
CA ARG B 306 10.91 -7.88 -27.85
C ARG B 306 9.75 -8.54 -27.11
N ASN B 307 9.15 -7.80 -26.18
CA ASN B 307 8.17 -8.46 -25.25
C ASN B 307 6.86 -8.75 -25.89
N ASN B 308 6.68 -8.41 -27.16
CA ASN B 308 5.46 -8.69 -27.89
C ASN B 308 5.58 -9.42 -29.21
N LYS B 309 6.80 -9.85 -29.48
CA LYS B 309 7.15 -10.45 -30.73
C LYS B 309 6.99 -11.96 -30.70
N PHE B 310 5.74 -12.33 -30.87
CA PHE B 310 5.33 -13.74 -30.87
C PHE B 310 3.95 -13.84 -31.46
N ASP B 311 3.61 -15.03 -31.94
CA ASP B 311 2.33 -15.23 -32.59
C ASP B 311 1.67 -16.59 -32.32
N PHE B 312 2.31 -17.41 -31.45
CA PHE B 312 1.88 -18.74 -31.15
C PHE B 312 2.17 -19.77 -32.26
N GLY B 313 2.86 -19.37 -33.30
CA GLY B 313 3.18 -20.33 -34.35
C GLY B 313 2.02 -21.14 -34.81
N ASP B 314 2.29 -22.42 -35.07
CA ASP B 314 1.27 -23.40 -35.33
C ASP B 314 1.03 -24.32 -34.17
N SER B 315 1.29 -23.84 -32.96
CA SER B 315 1.14 -24.67 -31.78
C SER B 315 -0.29 -25.18 -31.59
N LEU B 316 -1.31 -24.39 -31.88
CA LEU B 316 -2.66 -24.87 -31.74
C LEU B 316 -2.95 -26.11 -32.58
N VAL B 317 -2.71 -26.01 -33.89
CA VAL B 317 -3.03 -27.19 -34.71
C VAL B 317 -2.08 -28.37 -34.44
N ARG B 318 -0.92 -28.14 -33.88
CA ARG B 318 -0.03 -29.23 -33.38
C ARG B 318 -0.46 -29.87 -32.08
N GLY B 319 -1.43 -29.22 -31.41
CA GLY B 319 -1.90 -29.64 -30.12
C GLY B 319 -0.90 -29.48 -29.02
N ASP B 320 -0.02 -28.49 -29.15
CA ASP B 320 1.17 -28.31 -28.33
C ASP B 320 0.99 -27.12 -27.35
N GLN B 321 0.78 -27.45 -26.05
CA GLN B 321 0.63 -26.45 -24.98
C GLN B 321 1.81 -26.38 -24.13
N THR B 322 2.96 -26.87 -24.59
CA THR B 322 4.12 -26.86 -23.73
C THR B 322 4.58 -25.47 -23.33
N LYS B 323 4.49 -24.48 -24.24
CA LYS B 323 4.98 -23.14 -23.95
C LYS B 323 3.87 -22.23 -23.39
N CYS B 324 2.63 -22.46 -23.81
CA CYS B 324 1.51 -21.59 -23.40
C CYS B 324 0.23 -22.40 -23.51
N PRO B 325 -0.59 -22.46 -22.44
CA PRO B 325 -1.85 -23.07 -22.56
C PRO B 325 -2.75 -22.39 -23.57
N PHE B 326 -3.63 -23.13 -24.17
CA PHE B 326 -4.53 -22.55 -25.18
C PHE B 326 -5.48 -21.53 -24.54
N ALA B 327 -5.75 -21.75 -23.27
CA ALA B 327 -6.67 -20.87 -22.54
C ALA B 327 -6.02 -19.79 -21.73
N ALA B 328 -4.74 -19.55 -21.91
CA ALA B 328 -4.10 -18.41 -21.25
C ALA B 328 -4.90 -17.14 -21.61
N HIS B 329 -5.01 -16.19 -20.68
CA HIS B 329 -5.84 -15.03 -20.89
C HIS B 329 -5.50 -14.21 -22.14
N ILE B 330 -4.20 -13.96 -22.37
CA ILE B 330 -3.81 -13.19 -23.58
C ILE B 330 -4.18 -13.86 -24.89
N ARG B 331 -4.21 -15.17 -24.84
CA ARG B 331 -4.41 -15.97 -26.05
C ARG B 331 -5.91 -16.14 -26.32
N LYS B 332 -6.74 -16.11 -25.24
CA LYS B 332 -8.18 -16.09 -25.32
C LYS B 332 -8.66 -14.72 -25.86
N THR B 333 -7.93 -13.64 -25.50
CA THR B 333 -8.41 -12.30 -25.91
C THR B 333 -7.76 -11.70 -27.21
N TYR B 334 -6.61 -12.22 -27.58
CA TYR B 334 -5.93 -11.94 -28.86
C TYR B 334 -5.31 -13.25 -29.34
N PRO B 335 -6.06 -13.99 -30.17
CA PRO B 335 -5.60 -15.37 -30.57
C PRO B 335 -4.40 -15.43 -31.47
N ARG B 336 -4.04 -14.31 -32.12
CA ARG B 336 -2.83 -14.25 -32.95
C ARG B 336 -2.97 -15.37 -34.02
N ASN B 337 -1.90 -16.17 -34.18
CA ASN B 337 -1.96 -17.19 -35.27
C ASN B 337 -2.95 -18.32 -35.07
N ASP B 338 -3.47 -18.54 -33.86
CA ASP B 338 -4.50 -19.53 -33.67
C ASP B 338 -5.64 -19.34 -34.64
N LEU B 339 -6.05 -18.09 -34.87
CA LEU B 339 -7.04 -17.78 -35.87
C LEU B 339 -6.48 -17.24 -37.20
N GLU B 340 -5.35 -16.55 -37.14
CA GLU B 340 -4.81 -15.86 -38.34
C GLU B 340 -3.99 -16.81 -39.23
N GLY B 341 -3.50 -17.90 -38.68
CA GLY B 341 -2.87 -18.93 -39.47
C GLY B 341 -3.83 -19.97 -39.95
N PRO B 342 -3.30 -20.97 -40.68
CA PRO B 342 -4.19 -22.03 -41.08
C PRO B 342 -4.80 -22.77 -39.90
N PRO B 343 -5.98 -23.39 -40.03
CA PRO B 343 -6.69 -23.53 -41.29
C PRO B 343 -7.56 -22.33 -41.64
N LEU B 344 -7.93 -21.50 -40.68
CA LEU B 344 -8.88 -20.43 -40.97
C LEU B 344 -8.35 -19.24 -41.74
N LYS B 345 -7.13 -18.87 -41.53
CA LYS B 345 -6.54 -17.68 -42.11
C LYS B 345 -7.48 -16.49 -41.96
N ALA B 346 -8.01 -16.33 -40.76
CA ALA B 346 -9.04 -15.37 -40.45
C ALA B 346 -8.46 -13.96 -40.34
N ASP B 347 -9.32 -12.98 -40.65
CA ASP B 347 -8.99 -11.59 -40.43
C ASP B 347 -9.69 -11.24 -39.08
N ILE B 348 -8.91 -11.01 -38.04
CA ILE B 348 -9.49 -10.74 -36.72
C ILE B 348 -9.25 -9.30 -36.36
N ASP B 349 -9.06 -8.42 -37.33
CA ASP B 349 -8.87 -6.97 -36.98
C ASP B 349 -10.09 -6.38 -36.29
N ASN B 350 -11.27 -6.88 -36.57
CA ASN B 350 -12.49 -6.41 -35.98
C ASN B 350 -12.65 -6.90 -34.55
N ARG B 351 -11.73 -7.75 -34.09
CA ARG B 351 -11.77 -8.27 -32.72
C ARG B 351 -10.81 -7.49 -31.86
N ARG B 352 -10.07 -6.55 -32.39
CA ARG B 352 -9.03 -5.86 -31.65
C ARG B 352 -9.70 -4.73 -30.84
N ILE B 353 -9.09 -4.45 -29.70
CA ILE B 353 -9.56 -3.37 -28.79
C ILE B 353 -8.35 -2.63 -28.28
N ILE B 354 -8.52 -1.37 -28.02
CA ILE B 354 -7.54 -0.55 -27.32
C ILE B 354 -8.00 -0.45 -25.86
N ARG B 355 -7.12 -0.80 -24.92
CA ARG B 355 -7.45 -0.76 -23.47
C ARG B 355 -6.82 0.43 -22.79
N ARG B 356 -7.60 1.05 -21.92
CA ARG B 356 -7.12 2.19 -21.11
C ARG B 356 -7.47 1.95 -19.66
N GLY B 357 -7.18 0.80 -19.19
CA GLY B 357 -7.54 0.44 -17.79
C GLY B 357 -6.75 1.25 -16.81
N ILE B 358 -7.29 1.42 -15.62
CA ILE B 358 -6.50 1.87 -14.47
C ILE B 358 -6.96 0.99 -13.29
N GLN B 359 -6.05 0.69 -12.40
CA GLN B 359 -6.38 0.00 -11.16
C GLN B 359 -7.24 0.88 -10.25
N PHE B 360 -7.92 0.25 -9.32
CA PHE B 360 -8.55 0.99 -8.20
C PHE B 360 -8.35 0.26 -6.89
N GLY B 361 -8.38 1.02 -5.81
CA GLY B 361 -8.40 0.48 -4.50
C GLY B 361 -7.06 0.31 -3.84
N PRO B 362 -7.08 -0.01 -2.53
CA PRO B 362 -5.85 -0.11 -1.72
C PRO B 362 -5.09 -1.37 -2.00
N GLU B 363 -3.86 -1.42 -1.54
CA GLU B 363 -3.11 -2.64 -1.49
C GLU B 363 -3.75 -3.65 -0.50
N VAL B 364 -3.43 -4.93 -0.67
CA VAL B 364 -3.87 -5.98 0.18
C VAL B 364 -3.27 -5.72 1.62
N THR B 365 -4.14 -5.78 2.62
CA THR B 365 -3.78 -5.49 3.99
C THR B 365 -3.15 -6.71 4.65
N SER B 366 -2.46 -6.46 5.80
CA SER B 366 -1.88 -7.56 6.51
C SER B 366 -2.95 -8.58 6.91
N GLN B 367 -4.11 -8.10 7.36
CA GLN B 367 -5.16 -8.99 7.74
C GLN B 367 -5.65 -9.86 6.52
N GLU B 368 -5.80 -9.22 5.36
CA GLU B 368 -6.28 -9.97 4.21
C GLU B 368 -5.26 -11.06 3.84
N HIS B 369 -3.95 -10.74 3.88
CA HIS B 369 -2.93 -11.76 3.60
C HIS B 369 -3.05 -12.92 4.58
N HIS B 370 -3.19 -12.63 5.88
CA HIS B 370 -3.31 -13.71 6.85
C HIS B 370 -4.57 -14.57 6.68
N ASP B 371 -5.70 -13.90 6.42
CA ASP B 371 -7.01 -14.51 6.28
C ASP B 371 -7.14 -15.25 4.94
N LYS B 372 -6.34 -14.80 3.95
CA LYS B 372 -6.39 -15.33 2.58
C LYS B 372 -7.74 -14.97 1.95
N LYS B 373 -8.38 -13.87 2.42
CA LYS B 373 -9.66 -13.47 1.90
C LYS B 373 -9.73 -11.96 1.74
N THR B 374 -10.46 -11.53 0.71
CA THR B 374 -10.67 -10.14 0.44
C THR B 374 -11.61 -9.53 1.51
N HIS B 375 -11.23 -8.37 2.00
CA HIS B 375 -12.06 -7.49 2.86
C HIS B 375 -12.26 -6.10 2.36
N HIS B 376 -11.59 -5.72 1.24
CA HIS B 376 -11.62 -4.38 0.71
C HIS B 376 -11.77 -4.42 -0.79
N GLY B 377 -12.46 -3.37 -1.28
CA GLY B 377 -12.60 -3.35 -2.76
C GLY B 377 -11.38 -2.85 -3.50
N ARG B 378 -10.98 -3.64 -4.50
CA ARG B 378 -9.86 -3.25 -5.34
C ARG B 378 -10.08 -3.99 -6.66
N GLY B 379 -9.43 -3.53 -7.73
CA GLY B 379 -9.52 -4.18 -8.99
C GLY B 379 -9.17 -3.26 -10.13
N LEU B 380 -9.90 -3.42 -11.26
CA LEU B 380 -9.58 -2.70 -12.49
C LEU B 380 -10.77 -1.92 -12.95
N LEU B 381 -10.57 -0.67 -13.25
CA LEU B 381 -11.57 0.12 -14.04
C LEU B 381 -11.26 -0.16 -15.48
N PHE B 382 -11.87 -1.22 -15.99
CA PHE B 382 -11.64 -1.68 -17.35
C PHE B 382 -12.33 -0.78 -18.36
N VAL B 383 -11.56 -0.20 -19.31
CA VAL B 383 -12.05 0.62 -20.39
C VAL B 383 -11.40 0.12 -21.67
N CYS B 384 -12.21 -0.12 -22.70
CA CYS B 384 -11.73 -0.43 -24.01
C CYS B 384 -12.52 0.25 -25.10
N TYR B 385 -11.82 0.50 -26.18
CA TYR B 385 -12.36 1.17 -27.37
C TYR B 385 -12.27 0.28 -28.61
N SER B 386 -13.34 0.28 -29.39
CA SER B 386 -13.25 -0.15 -30.83
C SER B 386 -14.45 0.48 -31.55
N SER B 387 -14.52 0.25 -32.86
CA SER B 387 -15.69 0.67 -33.59
C SER B 387 -16.88 -0.23 -33.57
N SER B 388 -16.79 -1.29 -32.75
CA SER B 388 -17.86 -2.22 -32.63
C SER B 388 -17.70 -3.06 -31.36
N ILE B 389 -18.60 -2.85 -30.41
CA ILE B 389 -18.67 -3.67 -29.19
C ILE B 389 -19.13 -5.09 -29.59
N ASP B 390 -20.01 -5.15 -30.59
CA ASP B 390 -20.48 -6.44 -31.04
C ASP B 390 -19.32 -7.31 -31.56
N ASP B 391 -18.43 -6.70 -32.31
CA ASP B 391 -17.30 -7.43 -32.83
C ASP B 391 -16.14 -7.61 -31.83
N GLY B 392 -15.96 -6.64 -30.91
CA GLY B 392 -14.83 -6.59 -29.99
C GLY B 392 -15.26 -7.08 -28.64
N PHE B 393 -15.38 -6.13 -27.68
CA PHE B 393 -15.60 -6.56 -26.30
C PHE B 393 -16.62 -7.68 -26.10
N HIS B 394 -17.83 -7.54 -26.64
CA HIS B 394 -18.87 -8.50 -26.38
C HIS B 394 -18.48 -9.88 -26.91
N PHE B 395 -17.94 -9.94 -28.13
CA PHE B 395 -17.52 -11.20 -28.73
C PHE B 395 -16.36 -11.81 -28.01
N ILE B 396 -15.36 -11.01 -27.61
CA ILE B 396 -14.24 -11.58 -26.84
C ILE B 396 -14.76 -12.24 -25.58
N GLN B 397 -15.60 -11.53 -24.84
CA GLN B 397 -16.05 -12.08 -23.59
C GLN B 397 -16.90 -13.35 -23.81
N GLU B 398 -17.88 -13.25 -24.69
CA GLU B 398 -18.83 -14.32 -24.83
C GLU B 398 -18.33 -15.56 -25.64
N SER B 399 -17.74 -15.30 -26.79
CA SER B 399 -17.34 -16.38 -27.72
C SER B 399 -15.98 -16.95 -27.48
N TRP B 400 -15.07 -16.18 -26.80
CA TRP B 400 -13.73 -16.61 -26.56
C TRP B 400 -13.50 -16.94 -25.08
N ALA B 401 -13.58 -15.93 -24.23
CA ALA B 401 -13.19 -16.17 -22.82
C ALA B 401 -14.13 -17.14 -22.12
N ASN B 402 -15.43 -16.95 -22.38
CA ASN B 402 -16.51 -17.76 -21.71
C ASN B 402 -16.65 -19.15 -22.35
N ALA B 403 -15.98 -19.39 -23.50
CA ALA B 403 -16.25 -20.59 -24.32
C ALA B 403 -15.21 -21.65 -24.06
N PRO B 404 -15.53 -22.71 -23.29
CA PRO B 404 -14.45 -23.63 -22.94
C PRO B 404 -13.91 -24.40 -24.16
N ASN B 405 -14.65 -24.43 -25.27
CA ASN B 405 -14.10 -25.13 -26.43
C ASN B 405 -13.19 -24.28 -27.30
N PHE B 406 -13.18 -22.97 -27.05
CA PHE B 406 -12.43 -22.07 -27.89
C PHE B 406 -10.97 -22.08 -27.43
N PRO B 407 -9.96 -22.25 -28.34
CA PRO B 407 -10.07 -22.02 -29.80
C PRO B 407 -10.11 -23.35 -30.63
N VAL B 408 -10.29 -24.45 -29.97
CA VAL B 408 -10.34 -25.75 -30.65
C VAL B 408 -11.54 -25.77 -31.51
N ASN B 409 -12.72 -25.35 -31.05
CA ASN B 409 -13.95 -25.34 -31.88
C ASN B 409 -13.75 -24.57 -33.15
N ALA B 410 -13.08 -23.42 -33.10
CA ALA B 410 -13.00 -22.54 -34.24
C ALA B 410 -12.17 -23.22 -35.32
N VAL B 411 -11.05 -23.82 -34.92
CA VAL B 411 -10.14 -24.37 -35.94
C VAL B 411 -10.60 -25.72 -36.46
N THR B 412 -11.35 -26.48 -35.69
CA THR B 412 -11.89 -27.74 -36.15
C THR B 412 -13.17 -27.62 -36.93
N SER B 413 -13.72 -26.43 -37.10
CA SER B 413 -14.97 -26.27 -37.80
C SER B 413 -14.82 -26.55 -39.29
N ALA B 414 -13.58 -26.44 -39.78
CA ALA B 414 -13.25 -26.63 -41.17
C ALA B 414 -12.79 -28.06 -41.48
N GLY B 415 -12.83 -28.99 -40.51
CA GLY B 415 -12.34 -30.37 -40.62
C GLY B 415 -11.48 -30.87 -39.44
N PRO B 416 -11.24 -32.19 -39.34
CA PRO B 416 -10.61 -32.71 -38.11
C PRO B 416 -9.12 -32.42 -38.02
N ILE B 417 -8.69 -32.20 -36.77
CA ILE B 417 -7.35 -31.97 -36.47
C ILE B 417 -7.02 -32.96 -35.40
N PRO B 418 -6.42 -34.10 -35.74
CA PRO B 418 -6.22 -35.17 -34.73
C PRO B 418 -5.44 -34.81 -33.44
N PRO B 419 -4.42 -33.95 -33.48
CA PRO B 419 -3.75 -33.49 -32.27
C PRO B 419 -4.68 -32.76 -31.32
N LEU B 420 -5.82 -32.29 -31.80
CA LEU B 420 -6.81 -31.57 -30.93
C LEU B 420 -8.00 -32.41 -30.51
N ASP B 421 -8.05 -33.68 -30.92
CA ASP B 421 -9.11 -34.56 -30.52
C ASP B 421 -9.18 -34.63 -28.97
N GLY B 422 -10.38 -34.28 -28.51
CA GLY B 422 -10.66 -34.29 -27.13
C GLY B 422 -10.04 -33.13 -26.34
N VAL B 423 -9.43 -32.16 -27.00
CA VAL B 423 -8.82 -31.06 -26.23
C VAL B 423 -9.88 -30.01 -25.97
N VAL B 424 -10.09 -29.71 -24.69
CA VAL B 424 -11.08 -28.69 -24.27
C VAL B 424 -10.26 -27.66 -23.45
N PRO B 425 -9.87 -26.53 -24.04
CA PRO B 425 -9.01 -25.52 -23.33
C PRO B 425 -9.53 -25.10 -21.96
N GLY B 426 -10.84 -24.90 -21.92
CA GLY B 426 -11.57 -24.44 -20.73
C GLY B 426 -11.76 -22.93 -20.74
N PHE B 427 -12.13 -22.41 -19.57
CA PHE B 427 -12.37 -21.00 -19.44
C PHE B 427 -11.09 -20.20 -19.31
N ASP B 428 -11.15 -18.95 -19.75
CA ASP B 428 -10.16 -17.94 -19.33
C ASP B 428 -10.26 -17.84 -17.82
N ALA B 429 -9.19 -18.05 -17.09
CA ALA B 429 -9.27 -18.18 -15.68
C ALA B 429 -9.22 -16.80 -15.04
N ILE B 430 -8.97 -15.74 -15.80
CA ILE B 430 -8.95 -14.39 -15.26
C ILE B 430 -10.35 -13.80 -15.43
N ILE B 431 -10.91 -13.84 -16.61
CA ILE B 431 -12.20 -13.16 -16.93
C ILE B 431 -13.33 -14.04 -17.41
N GLY B 432 -13.07 -15.31 -17.65
CA GLY B 432 -14.10 -16.19 -18.22
C GLY B 432 -15.22 -16.46 -17.20
N GLN B 433 -16.46 -16.33 -17.67
CA GLN B 433 -17.64 -16.44 -16.86
C GLN B 433 -18.60 -17.45 -17.44
N LYS B 434 -19.24 -18.18 -16.54
CA LYS B 434 -20.23 -19.20 -16.91
C LYS B 434 -21.66 -18.70 -16.56
N VAL B 435 -22.45 -18.55 -17.58
CA VAL B 435 -23.91 -18.16 -17.36
C VAL B 435 -24.53 -19.20 -16.45
N GLY B 436 -25.15 -18.70 -15.37
CA GLY B 436 -25.76 -19.58 -14.34
C GLY B 436 -24.83 -19.92 -13.17
N GLY B 437 -23.54 -19.59 -13.30
CA GLY B 437 -22.59 -19.67 -12.22
C GLY B 437 -22.00 -21.02 -11.85
N GLY B 438 -22.14 -22.00 -12.70
CA GLY B 438 -21.55 -23.33 -12.38
C GLY B 438 -20.03 -23.53 -12.58
N ILE B 439 -19.64 -24.80 -12.74
CA ILE B 439 -18.26 -25.16 -12.64
C ILE B 439 -17.52 -24.63 -13.87
N ARG B 440 -16.32 -24.11 -13.58
CA ARG B 440 -15.35 -23.66 -14.61
C ARG B 440 -14.05 -24.42 -14.46
N GLN B 441 -13.52 -24.99 -15.56
CA GLN B 441 -12.21 -25.66 -15.51
C GLN B 441 -11.32 -25.02 -16.51
N ILE B 442 -10.01 -25.27 -16.37
CA ILE B 442 -8.99 -24.85 -17.34
C ILE B 442 -8.02 -26.01 -17.45
N SER B 443 -7.73 -26.36 -18.70
CA SER B 443 -6.77 -27.44 -19.00
C SER B 443 -5.49 -26.89 -19.49
N GLY B 444 -4.49 -27.77 -19.59
CA GLY B 444 -3.24 -27.39 -20.23
C GLY B 444 -2.29 -26.63 -19.41
N THR B 445 -2.60 -26.31 -18.16
CA THR B 445 -1.70 -25.50 -17.36
C THR B 445 -0.43 -26.23 -16.92
N ASN B 446 -0.49 -27.55 -16.84
CA ASN B 446 0.77 -28.27 -16.46
C ASN B 446 1.42 -28.66 -17.77
N PRO B 447 2.62 -28.12 -18.06
CA PRO B 447 3.26 -28.47 -19.35
C PRO B 447 3.66 -29.92 -19.54
N ASN B 448 3.82 -30.65 -18.45
CA ASN B 448 4.06 -32.09 -18.52
C ASN B 448 2.86 -32.98 -18.50
N ASP B 449 1.65 -32.43 -18.40
CA ASP B 449 0.44 -33.22 -18.27
C ASP B 449 -0.72 -32.35 -18.75
N PRO B 450 -0.83 -32.16 -20.07
CA PRO B 450 -1.76 -31.12 -20.60
C PRO B 450 -3.18 -31.48 -20.57
N THR B 451 -3.49 -32.79 -20.48
CA THR B 451 -4.93 -33.19 -20.48
C THR B 451 -5.58 -33.00 -19.14
N THR B 452 -4.82 -32.75 -18.08
CA THR B 452 -5.44 -32.52 -16.75
C THR B 452 -6.11 -31.16 -16.60
N ASN B 453 -7.29 -31.17 -16.00
CA ASN B 453 -8.05 -29.98 -15.72
C ASN B 453 -7.79 -29.54 -14.31
N ILE B 454 -7.69 -28.22 -14.09
CA ILE B 454 -7.87 -27.64 -12.79
C ILE B 454 -9.30 -27.10 -12.71
N THR B 455 -9.98 -27.42 -11.62
CA THR B 455 -11.33 -26.88 -11.34
C THR B 455 -11.15 -25.58 -10.55
N LEU B 456 -11.57 -24.47 -11.16
CA LEU B 456 -11.36 -23.20 -10.55
C LEU B 456 -12.21 -23.12 -9.24
N PRO B 457 -11.70 -22.43 -8.24
CA PRO B 457 -12.49 -22.14 -7.02
C PRO B 457 -13.84 -21.54 -7.35
N ASP B 458 -14.88 -21.89 -6.58
CA ASP B 458 -16.25 -21.37 -6.88
C ASP B 458 -16.31 -19.83 -7.01
N GLN B 459 -15.56 -19.15 -6.13
CA GLN B 459 -15.40 -17.69 -6.19
C GLN B 459 -14.44 -17.31 -7.33
N ASP B 460 -15.04 -16.71 -8.33
CA ASP B 460 -14.33 -16.17 -9.48
C ASP B 460 -13.34 -15.14 -8.99
N PHE B 461 -12.18 -15.09 -9.59
CA PHE B 461 -11.17 -14.14 -9.13
C PHE B 461 -11.54 -12.71 -9.49
N VAL B 462 -12.32 -12.55 -10.56
CA VAL B 462 -12.77 -11.24 -10.98
C VAL B 462 -14.28 -11.21 -10.87
N VAL B 463 -14.78 -10.14 -10.23
CA VAL B 463 -16.22 -10.00 -9.96
C VAL B 463 -16.69 -8.64 -10.61
N PRO B 464 -17.52 -8.70 -11.68
CA PRO B 464 -18.03 -7.46 -12.24
C PRO B 464 -19.10 -6.88 -11.31
N ARG B 465 -19.04 -5.56 -11.03
CA ARG B 465 -20.04 -4.93 -10.14
C ARG B 465 -20.66 -3.78 -10.82
N GLY B 466 -20.49 -3.61 -12.11
CA GLY B 466 -21.09 -2.50 -12.82
C GLY B 466 -20.48 -2.32 -14.16
N GLY B 467 -21.15 -1.57 -15.02
CA GLY B 467 -20.62 -1.26 -16.33
C GLY B 467 -21.67 -0.58 -17.17
N GLU B 468 -21.21 0.03 -18.28
CA GLU B 468 -22.06 0.46 -19.30
C GLU B 468 -21.25 0.62 -20.56
N TYR B 469 -21.97 0.67 -21.68
CA TYR B 469 -21.43 0.93 -22.99
C TYR B 469 -21.75 2.32 -23.46
N PHE B 470 -20.76 3.01 -23.91
CA PHE B 470 -20.84 4.42 -24.32
C PHE B 470 -20.26 4.64 -25.68
N PHE B 471 -20.60 5.76 -26.29
CA PHE B 471 -19.99 6.21 -27.51
C PHE B 471 -19.34 7.55 -27.26
N SER B 472 -18.07 7.68 -27.61
CA SER B 472 -17.24 8.86 -27.40
C SER B 472 -17.25 9.61 -28.75
N PRO B 473 -18.06 10.68 -28.85
CA PRO B 473 -18.19 11.30 -30.17
C PRO B 473 -16.99 12.15 -30.51
N SER B 474 -16.85 12.51 -31.78
CA SER B 474 -15.83 13.48 -32.21
C SER B 474 -16.16 14.87 -31.70
N ILE B 475 -15.19 15.76 -31.77
CA ILE B 475 -15.40 17.14 -31.29
C ILE B 475 -16.50 17.81 -32.11
N THR B 476 -16.46 17.71 -33.43
CA THR B 476 -17.52 18.35 -34.21
C THR B 476 -18.89 17.74 -33.96
N ALA B 477 -18.96 16.42 -33.68
CA ALA B 477 -20.23 15.84 -33.32
C ALA B 477 -20.74 16.41 -32.02
N LEU B 478 -19.86 16.57 -31.06
CA LEU B 478 -20.24 17.17 -29.80
C LEU B 478 -20.83 18.55 -30.03
N LYS B 479 -20.12 19.35 -30.83
CA LYS B 479 -20.53 20.73 -31.07
C LYS B 479 -21.87 20.80 -31.82
N THR B 480 -22.13 19.88 -32.74
CA THR B 480 -23.32 19.98 -33.56
C THR B 480 -24.50 19.21 -33.07
N LYS B 481 -24.30 18.02 -32.49
CA LYS B 481 -25.44 17.21 -32.04
C LYS B 481 -25.74 17.26 -30.52
N PHE B 482 -24.70 17.60 -29.74
CA PHE B 482 -24.81 17.55 -28.26
C PHE B 482 -24.78 18.91 -27.58
N ALA B 483 -24.69 19.97 -28.34
CA ALA B 483 -24.56 21.31 -27.83
C ALA B 483 -25.48 22.25 -28.70
N ILE B 484 -25.85 23.39 -28.14
CA ILE B 484 -26.48 24.55 -28.88
C ILE B 484 -25.71 25.81 -28.58
CHA HEM C . 14.15 0.59 14.67
CHB HEM C . 17.68 2.60 17.26
CHC HEM C . 15.46 1.17 21.29
CHD HEM C . 12.07 -1.12 18.70
C1A HEM C . 15.31 1.28 14.99
C2A HEM C . 16.22 1.88 14.06
C3A HEM C . 17.18 2.49 14.77
C4A HEM C . 16.92 2.18 16.15
CMA HEM C . 18.38 3.19 14.24
CAA HEM C . 16.09 1.80 12.55
CBA HEM C . 15.36 2.93 11.84
CGA HEM C . 13.87 2.93 12.11
O1A HEM C . 13.15 2.10 11.55
O2A HEM C . 13.43 3.80 12.88
C1B HEM C . 17.42 2.39 18.62
C2B HEM C . 18.16 2.89 19.69
C3B HEM C . 17.54 2.54 20.85
C4B HEM C . 16.37 1.75 20.43
CMB HEM C . 19.45 3.66 19.59
CAB HEM C . 17.87 2.76 22.29
CBB HEM C . 18.64 3.73 22.70
C1C HEM C . 14.41 0.36 21.02
C2C HEM C . 13.56 -0.33 21.89
C3C HEM C . 12.61 -1.01 21.19
C4C HEM C . 12.82 -0.67 19.80
CMC HEM C . 13.70 -0.28 23.39
CAC HEM C . 11.54 -1.96 21.59
CBC HEM C . 11.59 -2.73 22.69
C1D HEM C . 12.34 -0.77 17.38
C2D HEM C . 11.39 -1.12 16.29
C3D HEM C . 11.98 -0.59 15.15
C4D HEM C . 13.25 -0.02 15.59
CMD HEM C . 10.10 -1.84 16.38
CAD HEM C . 11.49 -0.70 13.71
CBD HEM C . 11.92 -1.96 13.04
CGD HEM C . 11.31 -2.09 11.67
O1D HEM C . 12.15 -2.36 10.77
O2D HEM C . 10.14 -1.83 11.48
NA HEM C . 15.80 1.37 16.30
NB HEM C . 16.39 1.63 19.08
NC HEM C . 14.01 0.02 19.70
ND HEM C . 13.44 -0.19 16.90
FE HEM C . 14.95 0.65 17.97
O1 MES D . 41.86 0.27 22.79
C2 MES D . 41.02 1.08 23.69
C3 MES D . 39.87 0.30 24.32
N4 MES D . 39.20 -0.50 23.27
C5 MES D . 40.22 -1.32 22.56
C6 MES D . 41.18 -0.44 21.79
C7 MES D . 38.26 -1.42 23.99
C8 MES D . 37.25 -2.03 23.06
S MES D . 35.92 -2.81 23.85
O1S MES D . 35.12 -3.31 22.80
O2S MES D . 36.44 -3.94 24.73
O3S MES D . 35.25 -1.85 24.72
CHA HEM E . -4.01 -8.44 -21.76
CHB HEM E . -5.07 -8.63 -17.10
CHC HEM E . -9.82 -7.93 -18.07
CHD HEM E . -8.79 -8.19 -22.75
C1A HEM E . -3.88 -8.54 -20.41
C2A HEM E . -2.68 -8.67 -19.71
C3A HEM E . -2.94 -8.68 -18.38
C4A HEM E . -4.39 -8.56 -18.31
CMA HEM E . -1.95 -8.86 -17.25
CAA HEM E . -1.34 -8.80 -20.39
CBA HEM E . -0.51 -7.53 -20.61
CGA HEM E . -0.99 -6.68 -21.75
O1A HEM E . -0.97 -6.95 -22.94
O2A HEM E . -1.59 -5.63 -21.36
C1B HEM E . -6.45 -8.37 -16.93
C2B HEM E . -7.13 -8.37 -15.68
C3B HEM E . -8.46 -8.14 -15.93
C4B HEM E . -8.63 -8.06 -17.39
CMB HEM E . -6.54 -8.49 -14.31
CAB HEM E . -9.56 -7.94 -14.96
CBB HEM E . -9.49 -7.52 -13.73
C1C HEM E . -9.97 -8.02 -19.44
C2C HEM E . -11.20 -7.97 -20.14
C3C HEM E . -10.94 -8.09 -21.51
C4C HEM E . -9.52 -8.15 -21.56
CMC HEM E . -12.50 -7.76 -19.50
CAC HEM E . -11.87 -8.12 -22.69
CBC HEM E . -13.09 -8.66 -22.66
C1D HEM E . -7.41 -8.18 -22.85
C2D HEM E . -6.66 -8.06 -24.18
C3D HEM E . -5.37 -8.13 -23.88
C4D HEM E . -5.25 -8.32 -22.42
CMD HEM E . -7.27 -7.87 -25.56
CAD HEM E . -4.22 -8.03 -24.89
CBD HEM E . -3.81 -9.40 -25.41
CGD HEM E . -2.70 -9.27 -26.43
O1D HEM E . -1.77 -10.12 -26.30
O2D HEM E . -2.72 -8.38 -27.27
NA HEM E . -4.96 -8.59 -19.56
NB HEM E . -7.38 -8.37 -17.92
NC HEM E . -8.97 -8.25 -20.32
ND HEM E . -6.49 -8.45 -21.88
FE HEM E . -6.93 -8.49 -19.93
#